data_6O3O
#
_entry.id   6O3O
#
_cell.length_a   129.337
_cell.length_b   182.269
_cell.length_c   146.594
_cell.angle_alpha   90.00
_cell.angle_beta   90.00
_cell.angle_gamma   90.00
#
_symmetry.space_group_name_H-M   'C 2 2 21'
#
loop_
_entity.id
_entity.type
_entity.pdbx_description
1 polymer 'CD226 antigen'
2 polymer 'Poliovirus receptor'
3 branched beta-D-mannopyranose-(1-4)-2-acetamido-2-deoxy-beta-D-glucopyranose-(1-4)-[alpha-L-fucopyranose-(1-6)]2-acetamido-2-deoxy-beta-D-glucopyranose
4 branched alpha-D-mannopyranose-(1-3)-beta-D-mannopyranose-(1-4)-2-acetamido-2-deoxy-beta-D-glucopyranose-(1-4)-[alpha-L-fucopyranose-(1-6)]2-acetamido-2-deoxy-beta-D-glucopyranose
5 branched 2-acetamido-2-deoxy-beta-D-glucopyranose-(1-4)-2-acetamido-2-deoxy-beta-D-glucopyranose
6 non-polymer 2-acetamido-2-deoxy-beta-D-glucopyranose
7 non-polymer 'SULFATE ION'
8 water water
#
loop_
_entity_poly.entity_id
_entity_poly.type
_entity_poly.pdbx_seq_one_letter_code
_entity_poly.pdbx_strand_id
1 'polypeptide(L)'
;TGEEVLWHTSVPFAENMSLECVYPSMGILTQVEWFKIGTQQDSIAIFSPTHGMVIRKPYAERVYFLNSTMASNNMTLFFR
NASEDDVGYYSCSLYTYPQGTWQKVIQVVQSDSFEAAVPSNSHIVSEPGKNVTLTCQPQMTWPVQAVRWEKIQPRQIDLL
TYCNLVHGRNFTSKFPRQIVSNCSHGRWSVIVIPDVTVSDSGLYRCYLQASAGENETFVMRLTVAEGKTDNQYTGTKHHH
HHH
;
A,B
2 'polypeptide(L)'
;LEDVVVQAPTQVPGFLGDSVTLPCYLQVPNMEVTHVSQLTWARHGESGSMAVFHQTQGPSYSESKRLEFVAARLGAELRN
ASLRMFGLRVEDEGNYTCLFVTFPQGSRSVDIWLRVLAKPQNTAEVQKVQLTGEPVPMARCVSTGGRPPAQITWHSDLGG
MPNTSQVPGFLSGTVTVTSLWILVPSSQVDGKNVTCKVEHESFEKPQLLTVNLTVYYPPEVSISGYDNNWYLGQNEATLT
CDARSNPEPTGYNWSTTMGPLPPFAVAQGAQLLIRPVDKPINTTLICNVTNALGARQAELTVQVKEGPPTSHHHHHH
;
C,D
#
# COMPACT_ATOMS: atom_id res chain seq x y z
N GLU A 3 -33.83 -14.06 3.94
CA GLU A 3 -33.17 -15.13 4.68
C GLU A 3 -32.19 -14.58 5.72
N GLU A 4 -32.03 -15.30 6.85
CA GLU A 4 -31.16 -14.95 7.98
C GLU A 4 -29.69 -14.93 7.56
N VAL A 5 -28.91 -13.99 8.14
CA VAL A 5 -27.47 -13.87 7.87
C VAL A 5 -26.72 -14.63 8.96
N LEU A 6 -26.02 -15.72 8.58
CA LEU A 6 -25.27 -16.55 9.52
C LEU A 6 -23.87 -16.00 9.72
N TRP A 7 -23.52 -15.73 10.99
CA TRP A 7 -22.22 -15.22 11.41
C TRP A 7 -21.44 -16.28 12.20
N HIS A 8 -20.11 -16.14 12.26
CA HIS A 8 -19.23 -17.05 13.00
C HIS A 8 -18.80 -16.43 14.32
N THR A 9 -18.72 -15.09 14.37
CA THR A 9 -18.35 -14.31 15.55
C THR A 9 -19.22 -13.05 15.64
N SER A 10 -19.59 -12.66 16.86
CA SER A 10 -20.39 -11.46 17.14
C SER A 10 -19.64 -10.63 18.18
N VAL A 11 -19.38 -9.36 17.87
CA VAL A 11 -18.62 -8.45 18.74
C VAL A 11 -19.38 -7.13 18.97
N PRO A 12 -19.20 -6.45 20.14
CA PRO A 12 -19.88 -5.16 20.34
C PRO A 12 -19.17 -4.03 19.60
N PHE A 13 -19.88 -2.92 19.38
CA PHE A 13 -19.33 -1.76 18.69
C PHE A 13 -18.37 -0.98 19.60
N ALA A 14 -17.22 -0.60 19.03
CA ALA A 14 -16.17 0.17 19.73
C ALA A 14 -15.47 1.13 18.77
N GLU A 15 -14.75 2.12 19.33
CA GLU A 15 -13.99 3.11 18.55
C GLU A 15 -12.73 2.46 17.96
N ASN A 16 -11.94 1.74 18.79
CA ASN A 16 -10.73 1.03 18.35
C ASN A 16 -11.02 -0.48 18.20
N MET A 17 -12.19 -0.77 17.61
CA MET A 17 -12.73 -2.09 17.33
C MET A 17 -11.85 -2.84 16.32
N SER A 18 -11.47 -4.09 16.64
CA SER A 18 -10.65 -4.95 15.78
C SER A 18 -11.42 -6.22 15.46
N LEU A 19 -11.46 -6.61 14.18
CA LEU A 19 -12.15 -7.80 13.72
C LEU A 19 -11.12 -8.85 13.35
N GLU A 20 -10.96 -9.87 14.21
CA GLU A 20 -9.97 -10.93 14.04
C GLU A 20 -10.38 -11.92 12.94
N CYS A 21 -9.40 -12.32 12.12
CA CYS A 21 -9.57 -13.31 11.05
C CYS A 21 -8.24 -14.02 10.82
N VAL A 22 -8.13 -15.23 11.36
CA VAL A 22 -6.92 -16.05 11.20
C VAL A 22 -7.30 -17.18 10.25
N TYR A 23 -6.90 -17.04 8.98
CA TYR A 23 -7.20 -18.02 7.93
C TYR A 23 -6.12 -19.12 7.89
N PRO A 24 -6.48 -20.39 7.60
CA PRO A 24 -5.46 -21.45 7.59
C PRO A 24 -4.56 -21.41 6.36
N SER A 25 -3.35 -21.96 6.51
CA SER A 25 -2.37 -22.08 5.42
C SER A 25 -2.73 -23.36 4.65
N MET A 26 -3.49 -23.19 3.56
CA MET A 26 -4.01 -24.29 2.74
C MET A 26 -4.12 -23.90 1.26
N GLY A 27 -3.87 -24.87 0.39
CA GLY A 27 -3.95 -24.74 -1.07
C GLY A 27 -3.08 -23.65 -1.68
N ILE A 28 -3.35 -23.34 -2.96
CA ILE A 28 -2.65 -22.29 -3.71
C ILE A 28 -3.39 -20.99 -3.41
N LEU A 29 -2.77 -20.14 -2.55
CA LEU A 29 -3.32 -18.84 -2.15
C LEU A 29 -3.45 -17.91 -3.36
N THR A 30 -4.68 -17.43 -3.60
CA THR A 30 -5.03 -16.57 -4.73
C THR A 30 -5.20 -15.12 -4.25
N GLN A 31 -6.05 -14.91 -3.20
CA GLN A 31 -6.40 -13.60 -2.65
C GLN A 31 -7.12 -13.74 -1.31
N VAL A 32 -6.88 -12.77 -0.41
CA VAL A 32 -7.52 -12.64 0.91
C VAL A 32 -8.16 -11.26 0.93
N GLU A 33 -9.45 -11.17 1.25
CA GLU A 33 -10.11 -9.85 1.24
C GLU A 33 -11.15 -9.69 2.33
N TRP A 34 -11.38 -8.42 2.68
CA TRP A 34 -12.37 -7.93 3.63
C TRP A 34 -13.42 -7.15 2.88
N PHE A 35 -14.71 -7.37 3.21
CA PHE A 35 -15.80 -6.63 2.59
C PHE A 35 -17.01 -6.61 3.52
N LYS A 36 -17.79 -5.52 3.45
CA LYS A 36 -19.00 -5.38 4.25
C LYS A 36 -20.17 -6.01 3.49
N ILE A 37 -20.86 -6.97 4.13
CA ILE A 37 -21.98 -7.69 3.54
C ILE A 37 -23.20 -6.77 3.41
N GLY A 38 -23.70 -6.66 2.19
CA GLY A 38 -24.85 -5.84 1.82
C GLY A 38 -25.23 -6.00 0.36
N THR A 39 -26.32 -5.31 -0.05
CA THR A 39 -26.84 -5.34 -1.43
C THR A 39 -25.85 -4.65 -2.38
N GLN A 40 -25.28 -3.50 -1.95
CA GLN A 40 -24.29 -2.74 -2.71
C GLN A 40 -22.89 -3.30 -2.46
N GLN A 41 -22.03 -3.30 -3.50
CA GLN A 41 -20.66 -3.80 -3.40
C GLN A 41 -19.84 -2.86 -2.53
N ASP A 42 -19.36 -3.36 -1.37
CA ASP A 42 -18.58 -2.56 -0.43
C ASP A 42 -17.29 -3.30 0.01
N SER A 43 -16.24 -3.22 -0.83
CA SER A 43 -14.93 -3.80 -0.56
C SER A 43 -14.13 -2.89 0.35
N ILE A 44 -13.55 -3.46 1.42
CA ILE A 44 -12.77 -2.70 2.41
C ILE A 44 -11.28 -2.79 2.05
N ALA A 45 -10.70 -4.00 2.12
CA ALA A 45 -9.29 -4.24 1.82
C ALA A 45 -9.11 -5.53 1.06
N ILE A 46 -8.18 -5.54 0.10
CA ILE A 46 -7.88 -6.70 -0.74
C ILE A 46 -6.37 -6.95 -0.70
N PHE A 47 -5.97 -8.19 -0.38
CA PHE A 47 -4.56 -8.58 -0.31
C PHE A 47 -4.18 -9.58 -1.40
N SER A 48 -3.12 -9.25 -2.15
CA SER A 48 -2.54 -10.07 -3.21
C SER A 48 -1.19 -10.64 -2.73
N PRO A 49 -0.93 -11.96 -2.92
CA PRO A 49 0.36 -12.52 -2.46
C PRO A 49 1.57 -12.05 -3.29
N THR A 50 1.32 -11.28 -4.37
CA THR A 50 2.37 -10.76 -5.26
C THR A 50 2.33 -9.22 -5.37
N HIS A 51 1.14 -8.59 -5.25
CA HIS A 51 0.98 -7.15 -5.37
C HIS A 51 0.66 -6.44 -4.04
N GLY A 52 0.74 -7.17 -2.93
CA GLY A 52 0.51 -6.65 -1.59
C GLY A 52 -0.92 -6.27 -1.25
N MET A 53 -1.08 -5.37 -0.25
CA MET A 53 -2.35 -4.89 0.28
C MET A 53 -2.82 -3.61 -0.42
N VAL A 54 -4.14 -3.51 -0.66
CA VAL A 54 -4.84 -2.36 -1.25
C VAL A 54 -6.12 -2.13 -0.44
N ILE A 55 -6.26 -0.92 0.15
CA ILE A 55 -7.43 -0.55 0.95
C ILE A 55 -8.24 0.48 0.17
N ARG A 56 -9.53 0.17 -0.05
CA ARG A 56 -10.48 0.99 -0.81
C ARG A 56 -11.08 2.12 0.03
N LYS A 57 -11.55 3.19 -0.63
CA LYS A 57 -12.22 4.33 0.00
C LYS A 57 -13.72 4.01 0.21
N PRO A 58 -14.42 4.50 1.25
CA PRO A 58 -13.99 5.43 2.31
C PRO A 58 -13.48 4.72 3.56
N TYR A 59 -12.83 3.56 3.39
CA TYR A 59 -12.29 2.78 4.50
C TYR A 59 -10.80 3.09 4.70
N ALA A 60 -10.14 3.67 3.68
CA ALA A 60 -8.71 4.03 3.65
C ALA A 60 -8.26 4.89 4.85
N GLU A 61 -9.16 5.75 5.38
CA GLU A 61 -8.89 6.64 6.50
C GLU A 61 -9.42 6.08 7.84
N ARG A 62 -10.18 4.98 7.82
CA ARG A 62 -10.79 4.37 9.00
C ARG A 62 -10.14 3.05 9.43
N VAL A 63 -9.68 2.21 8.48
CA VAL A 63 -9.12 0.90 8.81
C VAL A 63 -7.61 0.80 8.50
N TYR A 64 -6.93 -0.14 9.18
CA TYR A 64 -5.50 -0.44 9.05
C TYR A 64 -5.19 -1.87 9.50
N PHE A 65 -3.95 -2.32 9.23
CA PHE A 65 -3.46 -3.65 9.58
C PHE A 65 -2.11 -3.59 10.29
N LEU A 66 -1.73 -4.70 10.96
CA LEU A 66 -0.44 -4.85 11.66
C LEU A 66 0.21 -6.19 11.25
N ASN A 67 1.56 -6.20 11.16
CA ASN A 67 2.42 -7.34 10.76
C ASN A 67 2.07 -7.85 9.37
N ASN A 73 -0.73 -15.31 8.17
CA ASN A 73 -2.04 -15.97 8.09
C ASN A 73 -3.10 -15.23 8.94
N ASN A 74 -2.72 -14.09 9.54
CA ASN A 74 -3.58 -13.26 10.39
C ASN A 74 -3.90 -11.94 9.67
N MET A 75 -5.21 -11.66 9.47
CA MET A 75 -5.71 -10.48 8.79
C MET A 75 -6.66 -9.65 9.68
N THR A 76 -6.30 -9.43 10.97
CA THR A 76 -7.13 -8.66 11.91
C THR A 76 -7.30 -7.23 11.39
N LEU A 77 -8.58 -6.83 11.17
CA LEU A 77 -8.97 -5.52 10.65
C LEU A 77 -9.22 -4.55 11.81
N PHE A 78 -8.26 -3.66 12.06
CA PHE A 78 -8.33 -2.64 13.12
C PHE A 78 -9.01 -1.38 12.62
N PHE A 79 -9.75 -0.70 13.52
CA PHE A 79 -10.45 0.54 13.21
C PHE A 79 -9.91 1.71 14.03
N ARG A 80 -9.89 2.91 13.43
CA ARG A 80 -9.49 4.15 14.07
C ARG A 80 -10.68 5.11 13.96
N ASN A 81 -11.41 5.28 15.09
CA ASN A 81 -12.60 6.11 15.25
C ASN A 81 -13.71 5.68 14.26
N ALA A 82 -14.41 4.58 14.61
CA ALA A 82 -15.50 4.03 13.80
C ALA A 82 -16.80 4.77 14.11
N SER A 83 -17.62 5.03 13.07
CA SER A 83 -18.90 5.73 13.18
C SER A 83 -20.06 4.74 13.40
N GLU A 84 -21.23 5.24 13.82
CA GLU A 84 -22.47 4.48 14.07
C GLU A 84 -22.84 3.56 12.90
N ASP A 85 -22.59 4.02 11.66
CA ASP A 85 -22.89 3.32 10.41
C ASP A 85 -22.04 2.05 10.21
N ASP A 86 -20.89 1.92 10.92
CA ASP A 86 -20.00 0.76 10.83
C ASP A 86 -20.61 -0.51 11.48
N VAL A 87 -21.83 -0.40 12.02
CA VAL A 87 -22.55 -1.52 12.63
C VAL A 87 -23.20 -2.31 11.48
N GLY A 88 -22.83 -3.59 11.38
CA GLY A 88 -23.32 -4.50 10.35
C GLY A 88 -22.54 -5.80 10.28
N TYR A 89 -22.65 -6.49 9.12
CA TYR A 89 -21.98 -7.76 8.86
C TYR A 89 -20.74 -7.57 8.00
N TYR A 90 -19.61 -8.13 8.46
CA TYR A 90 -18.32 -8.07 7.77
C TYR A 90 -17.87 -9.46 7.35
N SER A 91 -17.19 -9.57 6.22
CA SER A 91 -16.70 -10.84 5.70
C SER A 91 -15.21 -10.82 5.44
N CYS A 92 -14.52 -11.89 5.86
CA CYS A 92 -13.10 -12.11 5.64
C CYS A 92 -12.98 -13.36 4.78
N SER A 93 -12.87 -13.15 3.46
CA SER A 93 -12.84 -14.24 2.49
C SER A 93 -11.43 -14.56 2.02
N LEU A 94 -11.13 -15.85 1.96
CA LEU A 94 -9.87 -16.44 1.52
C LEU A 94 -10.18 -17.29 0.28
N TYR A 95 -9.52 -16.98 -0.83
CA TYR A 95 -9.70 -17.68 -2.11
C TYR A 95 -8.47 -18.49 -2.42
N THR A 96 -8.66 -19.81 -2.56
CA THR A 96 -7.58 -20.77 -2.81
C THR A 96 -7.97 -21.81 -3.85
N TYR A 97 -6.97 -22.50 -4.43
CA TYR A 97 -7.18 -23.61 -5.37
C TYR A 97 -6.74 -24.92 -4.69
N PRO A 98 -7.53 -26.02 -4.74
CA PRO A 98 -8.81 -26.20 -5.46
C PRO A 98 -10.09 -26.01 -4.63
N GLN A 99 -9.99 -25.49 -3.38
CA GLN A 99 -11.14 -25.30 -2.48
C GLN A 99 -12.15 -24.27 -3.02
N GLY A 100 -11.66 -23.14 -3.50
CA GLY A 100 -12.51 -22.07 -4.03
C GLY A 100 -12.65 -20.91 -3.07
N THR A 101 -13.48 -21.06 -2.02
CA THR A 101 -13.76 -20.00 -1.04
C THR A 101 -13.79 -20.52 0.41
N TRP A 102 -13.29 -19.69 1.33
CA TRP A 102 -13.28 -19.81 2.77
C TRP A 102 -13.79 -18.48 3.29
N GLN A 103 -14.85 -18.45 4.11
CA GLN A 103 -15.43 -17.21 4.58
C GLN A 103 -15.73 -17.22 6.08
N LYS A 104 -15.29 -16.15 6.77
CA LYS A 104 -15.57 -15.92 8.19
C LYS A 104 -16.40 -14.64 8.29
N VAL A 105 -17.66 -14.78 8.71
CA VAL A 105 -18.60 -13.66 8.85
C VAL A 105 -18.55 -13.14 10.31
N ILE A 106 -18.26 -11.84 10.47
CA ILE A 106 -18.21 -11.16 11.77
C ILE A 106 -19.38 -10.18 11.87
N GLN A 107 -20.17 -10.29 12.94
CA GLN A 107 -21.31 -9.40 13.16
C GLN A 107 -20.96 -8.33 14.19
N VAL A 108 -21.17 -7.06 13.83
CA VAL A 108 -20.94 -5.92 14.70
C VAL A 108 -22.31 -5.44 15.18
N VAL A 109 -22.54 -5.49 16.50
CA VAL A 109 -23.80 -5.09 17.13
C VAL A 109 -23.56 -3.89 18.06
N GLN A 110 -24.65 -3.15 18.40
CA GLN A 110 -24.60 -1.97 19.29
CA GLN A 110 -24.59 -1.98 19.28
C GLN A 110 -24.10 -2.37 20.68
N SER A 111 -23.36 -1.45 21.33
CA SER A 111 -22.78 -1.63 22.67
C SER A 111 -23.81 -2.06 23.73
N ASP A 112 -25.03 -1.46 23.69
CA ASP A 112 -26.12 -1.74 24.61
C ASP A 112 -26.84 -3.06 24.28
N SER A 113 -26.98 -3.39 22.98
CA SER A 113 -27.66 -4.60 22.50
C SER A 113 -26.84 -5.89 22.78
N PHE A 114 -25.49 -5.77 22.85
CA PHE A 114 -24.61 -6.91 23.12
C PHE A 114 -24.67 -7.30 24.59
N GLU A 115 -24.96 -8.58 24.87
CA GLU A 115 -25.05 -9.13 26.21
C GLU A 115 -24.05 -10.27 26.40
N ALA A 116 -23.17 -10.15 27.40
CA ALA A 116 -22.14 -11.13 27.74
C ALA A 116 -22.36 -11.72 29.15
N ALA A 117 -23.03 -10.94 30.04
CA ALA A 117 -23.33 -11.34 31.41
C ALA A 117 -24.67 -12.10 31.46
N VAL A 118 -24.64 -13.38 31.03
CA VAL A 118 -25.81 -14.26 30.99
C VAL A 118 -25.69 -15.37 32.07
N PRO A 119 -26.78 -15.67 32.81
CA PRO A 119 -26.69 -16.72 33.84
C PRO A 119 -26.72 -18.13 33.27
N SER A 120 -26.11 -19.07 34.00
CA SER A 120 -26.00 -20.49 33.64
C SER A 120 -27.23 -21.29 34.14
N ASN A 121 -27.42 -22.52 33.62
CA ASN A 121 -28.50 -23.43 34.01
C ASN A 121 -27.94 -24.71 34.62
N SER A 122 -26.76 -25.14 34.14
CA SER A 122 -26.04 -26.34 34.59
C SER A 122 -24.54 -26.11 34.62
N HIS A 123 -23.84 -26.67 35.61
CA HIS A 123 -22.40 -26.54 35.75
C HIS A 123 -21.72 -27.89 35.59
N ILE A 124 -20.99 -28.07 34.47
CA ILE A 124 -20.28 -29.32 34.16
C ILE A 124 -18.80 -29.14 34.53
N VAL A 125 -18.27 -30.08 35.33
CA VAL A 125 -16.88 -30.12 35.76
C VAL A 125 -16.26 -31.36 35.11
N SER A 126 -15.12 -31.19 34.41
CA SER A 126 -14.46 -32.29 33.72
C SER A 126 -12.93 -32.21 33.81
N GLU A 127 -12.28 -33.39 33.83
CA GLU A 127 -10.83 -33.54 33.85
C GLU A 127 -10.27 -33.36 32.43
N PRO A 128 -9.07 -32.75 32.25
CA PRO A 128 -8.53 -32.58 30.88
C PRO A 128 -8.23 -33.90 30.18
N GLY A 129 -8.47 -33.94 28.87
CA GLY A 129 -8.24 -35.11 28.02
C GLY A 129 -9.48 -35.93 27.71
N LYS A 130 -10.54 -35.76 28.52
CA LYS A 130 -11.81 -36.49 28.36
C LYS A 130 -12.74 -35.80 27.34
N ASN A 131 -13.78 -36.51 26.87
CA ASN A 131 -14.78 -35.99 25.93
C ASN A 131 -15.99 -35.44 26.70
N VAL A 132 -16.37 -34.18 26.44
CA VAL A 132 -17.52 -33.55 27.09
C VAL A 132 -18.70 -33.60 26.10
N THR A 133 -19.81 -34.23 26.53
CA THR A 133 -21.01 -34.37 25.71
C THR A 133 -22.07 -33.36 26.17
N LEU A 134 -22.40 -32.40 25.29
CA LEU A 134 -23.41 -31.38 25.56
C LEU A 134 -24.71 -31.72 24.81
N THR A 135 -25.82 -31.81 25.55
CA THR A 135 -27.12 -32.14 24.99
C THR A 135 -28.09 -30.95 25.09
N CYS A 136 -29.02 -30.86 24.12
CA CYS A 136 -30.03 -29.80 24.01
C CYS A 136 -31.30 -30.36 23.38
N GLN A 137 -32.31 -30.64 24.22
CA GLN A 137 -33.59 -31.20 23.78
C GLN A 137 -34.71 -30.14 23.82
N PRO A 138 -35.67 -30.15 22.86
CA PRO A 138 -36.76 -29.15 22.91
C PRO A 138 -37.64 -29.42 24.13
N GLN A 139 -37.86 -28.39 24.95
CA GLN A 139 -38.60 -28.52 26.20
C GLN A 139 -40.11 -28.25 26.04
N MET A 140 -40.48 -27.09 25.47
CA MET A 140 -41.88 -26.71 25.32
C MET A 140 -42.33 -26.67 23.86
N THR A 141 -41.51 -26.11 22.95
CA THR A 141 -41.89 -25.96 21.55
C THR A 141 -41.36 -27.10 20.65
N TRP A 142 -42.20 -27.48 19.67
CA TRP A 142 -41.98 -28.49 18.62
C TRP A 142 -43.05 -28.30 17.52
N PRO A 143 -42.74 -28.36 16.20
CA PRO A 143 -41.45 -28.66 15.55
C PRO A 143 -40.43 -27.53 15.64
N VAL A 144 -39.16 -27.88 15.85
CA VAL A 144 -38.05 -26.92 15.91
C VAL A 144 -37.48 -26.79 14.48
N GLN A 145 -37.22 -25.55 14.06
CA GLN A 145 -36.73 -25.23 12.72
C GLN A 145 -35.21 -25.12 12.68
N ALA A 146 -34.59 -24.55 13.73
CA ALA A 146 -33.12 -24.38 13.81
C ALA A 146 -32.58 -24.60 15.23
N VAL A 147 -31.33 -25.10 15.31
CA VAL A 147 -30.61 -25.36 16.56
C VAL A 147 -29.15 -24.89 16.40
N ARG A 148 -28.65 -24.13 17.40
CA ARG A 148 -27.28 -23.62 17.36
C ARG A 148 -26.62 -23.61 18.76
N TRP A 149 -25.30 -23.81 18.77
CA TRP A 149 -24.47 -23.79 19.98
C TRP A 149 -23.49 -22.64 19.91
N GLU A 150 -23.37 -21.87 21.00
CA GLU A 150 -22.50 -20.70 21.07
C GLU A 150 -21.62 -20.70 22.30
N LYS A 151 -20.40 -20.14 22.19
CA LYS A 151 -19.52 -19.97 23.34
C LYS A 151 -19.47 -18.48 23.67
N ILE A 152 -20.07 -18.09 24.80
CA ILE A 152 -20.14 -16.70 25.22
C ILE A 152 -18.92 -16.33 26.06
N GLN A 153 -18.15 -15.37 25.55
CA GLN A 153 -16.97 -14.79 26.20
C GLN A 153 -17.32 -13.36 26.62
N PRO A 154 -16.60 -12.71 27.57
CA PRO A 154 -17.01 -11.35 28.00
C PRO A 154 -16.96 -10.28 26.91
N ARG A 155 -16.20 -10.49 25.82
CA ARG A 155 -16.07 -9.50 24.76
C ARG A 155 -16.55 -10.01 23.38
N GLN A 156 -16.86 -11.32 23.23
CA GLN A 156 -17.33 -11.88 21.95
C GLN A 156 -18.15 -13.17 22.11
N ILE A 157 -18.97 -13.48 21.09
CA ILE A 157 -19.79 -14.69 21.01
C ILE A 157 -19.38 -15.43 19.72
N ASP A 158 -19.09 -16.74 19.82
CA ASP A 158 -18.68 -17.55 18.68
C ASP A 158 -19.65 -18.70 18.43
N LEU A 159 -20.16 -18.82 17.19
CA LEU A 159 -21.07 -19.88 16.78
C LEU A 159 -20.28 -21.16 16.55
N LEU A 160 -20.55 -22.21 17.34
CA LEU A 160 -19.87 -23.51 17.27
C LEU A 160 -20.56 -24.45 16.28
N THR A 161 -21.89 -24.56 16.37
CA THR A 161 -22.70 -25.41 15.48
C THR A 161 -23.95 -24.67 15.04
N TYR A 162 -24.51 -25.08 13.89
CA TYR A 162 -25.76 -24.55 13.34
C TYR A 162 -26.37 -25.62 12.46
N CYS A 163 -27.63 -25.96 12.72
CA CYS A 163 -28.38 -26.95 11.95
C CYS A 163 -29.76 -26.40 11.63
N ASN A 164 -30.12 -26.39 10.34
CA ASN A 164 -31.43 -25.96 9.87
C ASN A 164 -32.17 -27.21 9.40
N LEU A 165 -33.20 -27.63 10.16
CA LEU A 165 -33.94 -28.86 9.90
C LEU A 165 -35.08 -28.70 8.89
N VAL A 166 -35.67 -27.49 8.76
CA VAL A 166 -36.75 -27.24 7.81
C VAL A 166 -36.17 -27.14 6.37
N HIS A 167 -35.01 -26.47 6.21
CA HIS A 167 -34.32 -26.31 4.93
C HIS A 167 -32.82 -26.13 5.18
N GLY A 168 -32.07 -27.23 4.99
CA GLY A 168 -30.62 -27.31 5.19
C GLY A 168 -29.83 -26.13 4.66
N ARG A 169 -28.89 -25.61 5.47
CA ARG A 169 -28.07 -24.46 5.11
C ARG A 169 -26.58 -24.77 5.21
N ASN A 170 -25.75 -23.89 4.62
CA ASN A 170 -24.30 -24.01 4.61
C ASN A 170 -23.71 -23.40 5.89
N PHE A 171 -23.12 -24.26 6.74
CA PHE A 171 -22.43 -23.79 7.94
C PHE A 171 -21.20 -24.63 8.23
N THR A 172 -20.05 -23.94 8.25
CA THR A 172 -18.73 -24.47 8.57
C THR A 172 -18.20 -23.59 9.70
N SER A 173 -17.97 -24.18 10.88
CA SER A 173 -17.47 -23.46 12.04
C SER A 173 -16.03 -22.99 11.83
N LYS A 174 -15.78 -21.71 12.14
CA LYS A 174 -14.45 -21.10 12.04
C LYS A 174 -13.84 -20.95 13.44
N PHE A 175 -14.31 -21.79 14.39
CA PHE A 175 -13.86 -21.84 15.78
C PHE A 175 -12.51 -22.58 15.83
N PRO A 176 -11.50 -22.09 16.61
CA PRO A 176 -10.18 -22.75 16.61
C PRO A 176 -10.11 -24.03 17.45
N ARG A 177 -11.23 -24.77 17.52
CA ARG A 177 -11.33 -26.00 18.30
C ARG A 177 -12.21 -27.03 17.60
N GLN A 178 -11.81 -28.32 17.68
CA GLN A 178 -12.53 -29.45 17.09
C GLN A 178 -13.81 -29.73 17.89
N ILE A 179 -14.96 -29.73 17.21
CA ILE A 179 -16.27 -30.00 17.82
C ILE A 179 -16.98 -31.05 16.96
N VAL A 180 -17.22 -32.23 17.55
CA VAL A 180 -17.90 -33.35 16.88
C VAL A 180 -19.41 -33.09 16.96
N SER A 181 -20.04 -32.94 15.77
CA SER A 181 -21.47 -32.67 15.64
C SER A 181 -22.04 -33.24 14.35
N ASN A 182 -23.35 -33.53 14.35
CA ASN A 182 -24.07 -34.03 13.18
C ASN A 182 -25.46 -33.40 13.14
N CYS A 183 -25.77 -32.71 12.02
CA CYS A 183 -27.05 -32.02 11.83
C CYS A 183 -28.16 -32.96 11.35
N SER A 184 -27.81 -34.21 10.98
CA SER A 184 -28.75 -35.23 10.51
C SER A 184 -29.82 -35.55 11.56
N HIS A 185 -31.02 -35.91 11.10
CA HIS A 185 -32.17 -36.24 11.95
C HIS A 185 -31.85 -37.43 12.85
N GLY A 186 -32.06 -37.23 14.15
CA GLY A 186 -31.79 -38.22 15.18
C GLY A 186 -30.38 -38.14 15.74
N ARG A 187 -29.66 -37.02 15.49
CA ARG A 187 -28.28 -36.82 15.95
C ARG A 187 -27.96 -35.36 16.30
N TRP A 188 -28.84 -34.40 15.94
CA TRP A 188 -28.61 -32.96 16.13
C TRP A 188 -28.65 -32.46 17.59
N SER A 189 -29.25 -33.23 18.52
CA SER A 189 -29.38 -32.81 19.92
C SER A 189 -28.05 -32.85 20.71
N VAL A 190 -27.14 -33.77 20.36
CA VAL A 190 -25.87 -33.93 21.10
C VAL A 190 -24.66 -33.43 20.29
N ILE A 191 -23.79 -32.64 20.95
CA ILE A 191 -22.52 -32.11 20.41
C ILE A 191 -21.40 -32.55 21.38
N VAL A 192 -20.24 -32.97 20.83
CA VAL A 192 -19.12 -33.48 21.64
C VAL A 192 -17.87 -32.59 21.45
N ILE A 193 -17.17 -32.32 22.56
CA ILE A 193 -15.91 -31.59 22.61
C ILE A 193 -14.84 -32.63 22.99
N PRO A 194 -14.06 -33.18 22.03
CA PRO A 194 -13.10 -34.24 22.37
C PRO A 194 -11.75 -33.72 22.87
N ASP A 195 -11.13 -34.47 23.83
CA ASP A 195 -9.83 -34.19 24.47
C ASP A 195 -9.78 -32.74 24.99
N VAL A 196 -10.72 -32.42 25.90
CA VAL A 196 -10.97 -31.12 26.54
C VAL A 196 -9.71 -30.54 27.19
N THR A 197 -9.43 -29.24 26.92
CA THR A 197 -8.30 -28.46 27.44
C THR A 197 -8.82 -27.52 28.56
N VAL A 198 -7.91 -26.90 29.33
CA VAL A 198 -8.24 -25.95 30.42
C VAL A 198 -8.85 -24.66 29.82
N SER A 199 -8.45 -24.31 28.58
CA SER A 199 -8.93 -23.14 27.82
C SER A 199 -10.40 -23.26 27.38
N ASP A 200 -10.98 -24.48 27.43
CA ASP A 200 -12.37 -24.76 27.03
C ASP A 200 -13.39 -24.26 28.08
N SER A 201 -12.93 -23.78 29.24
CA SER A 201 -13.78 -23.26 30.31
C SER A 201 -14.52 -21.99 29.85
N GLY A 202 -15.82 -21.96 30.07
CA GLY A 202 -16.69 -20.84 29.70
C GLY A 202 -18.15 -21.21 29.54
N LEU A 203 -18.97 -20.23 29.11
CA LEU A 203 -20.41 -20.41 28.91
C LEU A 203 -20.72 -21.00 27.54
N TYR A 204 -21.60 -22.01 27.50
CA TYR A 204 -22.02 -22.69 26.27
C TYR A 204 -23.54 -22.64 26.16
N ARG A 205 -24.04 -21.71 25.33
CA ARG A 205 -25.46 -21.47 25.14
C ARG A 205 -26.03 -22.25 23.96
N CYS A 206 -27.23 -22.80 24.15
CA CYS A 206 -27.98 -23.49 23.11
C CYS A 206 -29.19 -22.64 22.77
N TYR A 207 -29.51 -22.49 21.48
CA TYR A 207 -30.63 -21.69 21.02
C TYR A 207 -31.48 -22.49 20.05
N LEU A 208 -32.78 -22.61 20.34
CA LEU A 208 -33.74 -23.35 19.51
C LEU A 208 -34.77 -22.37 18.95
N GLN A 209 -35.00 -22.43 17.62
CA GLN A 209 -35.94 -21.55 16.92
C GLN A 209 -37.16 -22.31 16.42
N ALA A 210 -38.38 -21.79 16.70
CA ALA A 210 -39.63 -22.42 16.27
C ALA A 210 -40.33 -21.63 15.14
N SER A 211 -41.51 -22.14 14.70
CA SER A 211 -42.34 -21.60 13.62
C SER A 211 -42.89 -20.19 13.90
N ALA A 212 -43.67 -20.00 14.99
CA ALA A 212 -44.29 -18.72 15.35
C ALA A 212 -43.25 -17.67 15.79
N GLY A 213 -42.17 -18.11 16.43
CA GLY A 213 -41.11 -17.25 16.91
C GLY A 213 -40.68 -17.50 18.34
N GLU A 214 -41.32 -18.48 19.02
CA GLU A 214 -41.01 -18.85 20.40
C GLU A 214 -39.63 -19.52 20.45
N ASN A 215 -38.75 -19.03 21.34
CA ASN A 215 -37.38 -19.52 21.45
C ASN A 215 -37.11 -20.23 22.77
N GLU A 216 -36.02 -21.01 22.80
CA GLU A 216 -35.57 -21.76 23.96
C GLU A 216 -34.06 -21.63 24.12
N THR A 217 -33.62 -21.19 25.31
CA THR A 217 -32.21 -21.01 25.64
C THR A 217 -31.81 -21.91 26.80
N PHE A 218 -30.67 -22.59 26.66
CA PHE A 218 -30.10 -23.45 27.70
C PHE A 218 -28.61 -23.20 27.75
N VAL A 219 -28.15 -22.51 28.82
CA VAL A 219 -26.75 -22.16 29.03
C VAL A 219 -26.09 -23.20 29.95
N MET A 220 -24.98 -23.77 29.51
CA MET A 220 -24.20 -24.76 30.25
C MET A 220 -22.79 -24.21 30.50
N ARG A 221 -22.40 -24.07 31.77
CA ARG A 221 -21.08 -23.58 32.13
C ARG A 221 -20.13 -24.77 32.31
N LEU A 222 -18.96 -24.70 31.65
CA LEU A 222 -17.92 -25.72 31.73
C LEU A 222 -16.72 -25.20 32.52
N THR A 223 -16.18 -26.05 33.42
CA THR A 223 -15.02 -25.74 34.25
C THR A 223 -14.07 -26.94 34.18
N VAL A 224 -12.83 -26.69 33.71
CA VAL A 224 -11.80 -27.72 33.53
C VAL A 224 -10.65 -27.52 34.53
N ALA A 225 -10.31 -28.60 35.27
CA ALA A 225 -9.24 -28.61 36.27
C ALA A 225 -7.87 -28.68 35.60
N LEU B 6 16.28 23.03 15.09
CA LEU B 6 16.58 21.61 15.21
C LEU B 6 15.45 20.75 14.62
N TRP B 7 14.19 21.08 14.97
CA TRP B 7 12.99 20.36 14.51
C TRP B 7 12.02 21.30 13.78
N HIS B 8 11.10 20.72 12.98
CA HIS B 8 10.10 21.45 12.22
C HIS B 8 8.71 21.35 12.85
N THR B 9 8.48 20.29 13.66
CA THR B 9 7.21 20.02 14.36
C THR B 9 7.49 19.32 15.70
N SER B 10 6.89 19.82 16.79
CA SER B 10 7.03 19.23 18.13
C SER B 10 5.66 18.75 18.59
N VAL B 11 5.55 17.45 18.92
CA VAL B 11 4.28 16.82 19.33
C VAL B 11 4.44 16.17 20.72
N PRO B 12 3.54 16.46 21.71
CA PRO B 12 3.67 15.80 23.02
C PRO B 12 3.35 14.29 22.94
N PHE B 13 3.91 13.52 23.87
CA PHE B 13 3.74 12.06 23.94
C PHE B 13 2.30 11.69 24.34
N ALA B 14 1.71 10.77 23.56
CA ALA B 14 0.36 10.25 23.74
C ALA B 14 0.29 8.77 23.36
N GLU B 15 -0.75 8.05 23.83
CA GLU B 15 -0.96 6.63 23.56
C GLU B 15 -1.20 6.38 22.06
N ASN B 16 -2.05 7.22 21.42
CA ASN B 16 -2.38 7.10 20.00
C ASN B 16 -1.94 8.39 19.24
N MET B 17 -0.69 8.83 19.48
CA MET B 17 -0.11 10.02 18.85
C MET B 17 0.17 9.80 17.36
N SER B 18 0.08 10.89 16.57
CA SER B 18 0.33 10.87 15.13
C SER B 18 1.37 11.92 14.76
N LEU B 19 2.38 11.50 13.98
CA LEU B 19 3.47 12.38 13.54
C LEU B 19 3.22 12.76 12.08
N GLU B 20 2.61 13.94 11.87
CA GLU B 20 2.24 14.49 10.57
C GLU B 20 3.44 14.80 9.69
N CYS B 21 3.36 14.38 8.42
CA CYS B 21 4.39 14.61 7.40
C CYS B 21 3.71 14.78 6.04
N VAL B 22 3.57 16.04 5.61
CA VAL B 22 2.95 16.41 4.34
C VAL B 22 4.06 17.00 3.46
N TYR B 23 4.45 16.24 2.41
CA TYR B 23 5.50 16.61 1.47
C TYR B 23 4.92 17.24 0.19
N PRO B 24 5.63 18.20 -0.46
CA PRO B 24 5.07 18.82 -1.68
C PRO B 24 5.13 17.89 -2.89
N SER B 25 4.14 18.00 -3.79
CA SER B 25 4.04 17.19 -5.00
C SER B 25 4.99 17.74 -6.08
N MET B 26 6.28 17.38 -5.95
CA MET B 26 7.36 17.79 -6.85
C MET B 26 7.96 16.57 -7.54
N GLY B 27 8.43 16.78 -8.78
CA GLY B 27 9.06 15.77 -9.63
C GLY B 27 8.45 14.38 -9.63
N ILE B 28 9.32 13.35 -9.68
CA ILE B 28 8.94 11.93 -9.68
C ILE B 28 9.38 11.31 -8.35
N LEU B 29 8.40 10.79 -7.57
CA LEU B 29 8.62 10.16 -6.28
C LEU B 29 9.43 8.87 -6.42
N THR B 30 10.48 8.71 -5.60
CA THR B 30 11.35 7.53 -5.63
C THR B 30 11.11 6.66 -4.38
N GLN B 31 11.20 7.26 -3.18
CA GLN B 31 11.04 6.56 -1.90
C GLN B 31 10.77 7.54 -0.77
N VAL B 32 9.89 7.15 0.17
CA VAL B 32 9.54 7.91 1.38
C VAL B 32 10.00 7.07 2.56
N GLU B 33 10.79 7.64 3.47
CA GLU B 33 11.38 6.91 4.58
C GLU B 33 11.12 7.56 5.94
N TRP B 34 10.86 6.71 6.95
CA TRP B 34 10.62 7.08 8.35
C TRP B 34 11.68 6.40 9.21
N PHE B 35 12.55 7.18 9.87
CA PHE B 35 13.60 6.61 10.73
C PHE B 35 13.91 7.52 11.92
N LYS B 36 14.34 6.91 13.03
CA LYS B 36 14.71 7.62 14.26
C LYS B 36 16.16 8.13 14.17
N ILE B 37 16.37 9.44 14.40
CA ILE B 37 17.68 10.07 14.35
C ILE B 37 18.53 9.70 15.57
N GLY B 38 19.68 9.08 15.33
CA GLY B 38 20.61 8.65 16.36
C GLY B 38 21.55 7.56 15.92
N ASP B 42 17.46 3.84 14.33
CA ASP B 42 16.68 2.71 13.81
C ASP B 42 15.71 3.15 12.70
N SER B 43 15.50 2.29 11.69
CA SER B 43 14.59 2.54 10.57
C SER B 43 13.21 1.98 10.88
N ILE B 44 12.18 2.84 10.85
CA ILE B 44 10.79 2.48 11.17
C ILE B 44 10.07 1.91 9.92
N ALA B 45 9.83 2.74 8.88
CA ALA B 45 9.13 2.32 7.68
C ALA B 45 9.72 2.92 6.40
N ILE B 46 9.52 2.22 5.26
CA ILE B 46 9.99 2.59 3.93
C ILE B 46 8.85 2.34 2.92
N PHE B 47 8.49 3.37 2.13
CA PHE B 47 7.47 3.26 1.09
C PHE B 47 8.09 3.44 -0.29
N SER B 48 7.76 2.53 -1.21
CA SER B 48 8.21 2.58 -2.60
C SER B 48 6.97 2.53 -3.51
N PRO B 49 6.82 3.48 -4.48
CA PRO B 49 5.62 3.43 -5.34
C PRO B 49 5.62 2.25 -6.32
N THR B 50 6.75 1.55 -6.45
CA THR B 50 6.94 0.41 -7.33
C THR B 50 6.94 -0.92 -6.56
N HIS B 51 7.63 -0.96 -5.38
CA HIS B 51 7.77 -2.17 -4.56
C HIS B 51 6.71 -2.29 -3.45
N GLY B 52 6.33 -1.15 -2.85
CA GLY B 52 5.34 -1.12 -1.78
C GLY B 52 5.85 -0.59 -0.45
N MET B 53 5.04 -0.76 0.60
CA MET B 53 5.31 -0.33 1.97
C MET B 53 5.95 -1.48 2.78
N VAL B 54 6.97 -1.16 3.59
CA VAL B 54 7.66 -2.12 4.45
C VAL B 54 7.88 -1.47 5.83
N ILE B 55 7.28 -2.07 6.87
CA ILE B 55 7.40 -1.62 8.27
C ILE B 55 8.24 -2.68 9.00
N ARG B 56 9.27 -2.23 9.72
CA ARG B 56 10.23 -3.09 10.41
C ARG B 56 9.89 -3.38 11.87
N LYS B 57 10.46 -4.47 12.42
CA LYS B 57 10.31 -4.90 13.81
C LYS B 57 11.20 -4.01 14.72
N PRO B 58 10.77 -3.63 15.95
CA PRO B 58 9.52 -3.98 16.63
C PRO B 58 8.36 -3.02 16.33
N TYR B 59 8.59 -2.01 15.45
CA TYR B 59 7.59 -1.01 15.05
C TYR B 59 6.42 -1.62 14.26
N ALA B 60 6.57 -2.86 13.74
CA ALA B 60 5.58 -3.61 12.96
C ALA B 60 4.23 -3.76 13.67
N GLU B 61 4.22 -3.81 15.02
CA GLU B 61 3.01 -3.95 15.82
C GLU B 61 2.68 -2.65 16.59
N ARG B 62 3.49 -1.59 16.41
CA ARG B 62 3.32 -0.30 17.07
C ARG B 62 2.82 0.83 16.15
N VAL B 63 3.31 0.89 14.90
CA VAL B 63 2.93 1.96 13.97
C VAL B 63 2.06 1.46 12.80
N TYR B 64 1.33 2.39 12.16
CA TYR B 64 0.47 2.15 10.99
C TYR B 64 0.30 3.44 10.17
N PHE B 65 -0.30 3.31 8.96
CA PHE B 65 -0.53 4.41 8.03
C PHE B 65 -1.96 4.39 7.47
N LEU B 66 -2.50 5.58 7.15
CA LEU B 66 -3.82 5.77 6.57
C LEU B 66 -3.68 6.55 5.26
N ASN B 67 -4.11 5.96 4.13
CA ASN B 67 -4.02 6.59 2.81
C ASN B 67 -5.40 7.04 2.34
N SER B 72 -2.81 12.24 -1.49
CA SER B 72 -1.82 11.20 -1.73
C SER B 72 -0.40 11.65 -1.34
N ASN B 73 -0.19 12.98 -1.14
CA ASN B 73 1.10 13.56 -0.75
C ASN B 73 1.14 13.79 0.78
N ASN B 74 0.82 12.72 1.54
CA ASN B 74 0.77 12.71 3.00
C ASN B 74 1.30 11.36 3.50
N MET B 75 2.17 11.39 4.52
CA MET B 75 2.81 10.20 5.11
C MET B 75 2.85 10.31 6.65
N THR B 76 1.67 10.45 7.28
CA THR B 76 1.54 10.57 8.74
C THR B 76 1.76 9.21 9.41
N LEU B 77 2.70 9.15 10.37
CA LEU B 77 3.02 7.96 11.14
C LEU B 77 2.16 7.93 12.41
N PHE B 78 1.23 6.98 12.48
CA PHE B 78 0.30 6.81 13.61
C PHE B 78 0.79 5.73 14.56
N PHE B 79 0.47 5.87 15.87
CA PHE B 79 0.85 4.90 16.90
C PHE B 79 -0.35 4.19 17.50
N ARG B 80 -0.21 2.89 17.79
CA ARG B 80 -1.25 2.04 18.37
C ARG B 80 -1.26 2.17 19.90
N ASN B 81 -0.13 1.80 20.55
CA ASN B 81 0.08 1.88 21.99
C ASN B 81 1.57 2.18 22.24
N ALA B 82 1.93 3.47 22.05
CA ALA B 82 3.30 3.97 22.19
C ALA B 82 3.76 3.93 23.64
N SER B 83 4.97 3.40 23.87
CA SER B 83 5.60 3.29 25.18
C SER B 83 6.53 4.48 25.43
N GLU B 84 6.91 4.71 26.72
CA GLU B 84 7.78 5.81 27.14
C GLU B 84 9.16 5.76 26.45
N ASP B 85 9.57 4.58 25.97
CA ASP B 85 10.83 4.31 25.25
C ASP B 85 10.89 5.07 23.92
N ASP B 86 9.73 5.25 23.25
CA ASP B 86 9.60 5.95 21.96
C ASP B 86 9.66 7.48 22.15
N VAL B 87 10.78 7.96 22.73
CA VAL B 87 11.04 9.37 22.98
C VAL B 87 12.35 9.78 22.32
N GLY B 88 12.29 10.80 21.47
CA GLY B 88 13.44 11.32 20.75
C GLY B 88 13.10 12.05 19.47
N TYR B 89 14.03 12.04 18.51
CA TYR B 89 13.89 12.70 17.21
C TYR B 89 13.51 11.70 16.13
N TYR B 90 12.50 12.05 15.32
CA TYR B 90 11.99 11.25 14.20
C TYR B 90 12.21 12.00 12.90
N SER B 91 12.57 11.29 11.83
CA SER B 91 12.83 11.88 10.53
C SER B 91 11.93 11.29 9.44
N CYS B 92 11.29 12.18 8.66
CA CYS B 92 10.44 11.85 7.53
C CYS B 92 11.13 12.37 6.28
N SER B 93 11.88 11.48 5.61
CA SER B 93 12.68 11.81 4.44
C SER B 93 11.98 11.42 3.14
N LEU B 94 11.98 12.36 2.18
CA LEU B 94 11.41 12.18 0.85
C LEU B 94 12.52 12.25 -0.20
N TYR B 95 12.63 11.21 -1.02
CA TYR B 95 13.62 11.10 -2.08
C TYR B 95 12.90 11.22 -3.42
N THR B 96 13.23 12.28 -4.17
CA THR B 96 12.58 12.63 -5.44
C THR B 96 13.58 12.98 -6.53
N TYR B 97 13.19 12.79 -7.80
CA TYR B 97 13.97 13.18 -8.97
C TYR B 97 13.33 14.43 -9.60
N PRO B 98 14.09 15.51 -9.91
CA PRO B 98 15.54 15.68 -9.74
C PRO B 98 15.95 16.48 -8.50
N GLN B 99 14.98 16.84 -7.63
CA GLN B 99 15.17 17.66 -6.44
C GLN B 99 16.14 17.04 -5.43
N GLY B 100 16.10 15.72 -5.29
CA GLY B 100 16.98 14.98 -4.39
C GLY B 100 16.33 14.57 -3.09
N THR B 101 16.89 15.05 -1.97
CA THR B 101 16.42 14.71 -0.62
C THR B 101 15.71 15.90 0.06
N TRP B 102 14.53 15.61 0.61
CA TRP B 102 13.67 16.51 1.39
C TRP B 102 13.54 15.88 2.77
N GLN B 103 13.65 16.66 3.85
CA GLN B 103 13.58 16.09 5.20
C GLN B 103 12.82 16.97 6.19
N LYS B 104 11.93 16.33 6.96
CA LYS B 104 11.13 16.95 8.03
C LYS B 104 11.47 16.22 9.33
N VAL B 105 12.06 16.95 10.28
CA VAL B 105 12.47 16.40 11.58
C VAL B 105 11.41 16.77 12.63
N ILE B 106 10.93 15.77 13.38
CA ILE B 106 9.94 16.01 14.44
C ILE B 106 10.53 15.58 15.80
N GLN B 107 9.98 16.15 16.89
CA GLN B 107 10.42 15.87 18.26
C GLN B 107 9.24 15.48 19.15
N VAL B 108 9.42 14.45 20.00
CA VAL B 108 8.39 13.98 20.93
C VAL B 108 8.91 14.15 22.39
N VAL B 109 8.12 14.85 23.22
CA VAL B 109 8.43 15.16 24.63
C VAL B 109 7.27 14.75 25.55
N GLN B 110 7.57 14.48 26.84
CA GLN B 110 6.56 14.10 27.84
C GLN B 110 6.28 15.25 28.80
N PRO B 119 -0.81 30.98 27.05
CA PRO B 119 -1.14 32.41 27.10
C PRO B 119 -1.72 32.92 25.78
N SER B 120 -2.77 33.77 25.87
CA SER B 120 -3.44 34.36 24.71
C SER B 120 -2.72 35.64 24.23
N ASN B 121 -2.36 36.53 25.19
CA ASN B 121 -1.66 37.81 25.00
C ASN B 121 -2.40 38.72 23.99
N SER B 122 -1.85 38.93 22.77
CA SER B 122 -2.44 39.77 21.73
C SER B 122 -3.51 39.00 20.95
N HIS B 123 -4.51 39.74 20.41
CA HIS B 123 -5.60 39.15 19.63
C HIS B 123 -5.83 39.91 18.32
N ILE B 124 -5.93 39.18 17.20
CA ILE B 124 -6.16 39.72 15.86
C ILE B 124 -6.88 38.66 15.01
N SER B 126 -9.93 40.42 10.25
CA SER B 126 -9.90 38.95 10.32
C SER B 126 -10.79 38.32 9.21
N GLU B 127 -11.05 39.08 8.13
CA GLU B 127 -11.86 38.64 6.98
C GLU B 127 -11.12 37.56 6.17
N PRO B 128 -11.83 36.52 5.65
CA PRO B 128 -11.13 35.46 4.88
C PRO B 128 -10.66 35.93 3.50
N GLY B 129 -9.50 35.41 3.08
CA GLY B 129 -8.90 35.71 1.79
C GLY B 129 -8.20 37.06 1.73
N LYS B 130 -7.61 37.49 2.87
CA LYS B 130 -6.91 38.76 3.00
C LYS B 130 -5.44 38.55 3.42
N ASN B 131 -4.59 39.55 3.14
CA ASN B 131 -3.17 39.54 3.47
C ASN B 131 -2.97 39.99 4.93
N VAL B 132 -3.04 39.03 5.86
CA VAL B 132 -2.90 39.23 7.31
C VAL B 132 -1.40 39.38 7.64
N THR B 133 -1.05 40.50 8.29
CA THR B 133 0.33 40.83 8.68
C THR B 133 0.53 40.60 10.18
N LEU B 134 1.59 39.86 10.53
CA LEU B 134 1.99 39.59 11.92
C LEU B 134 3.33 40.24 12.21
N THR B 135 3.37 41.09 13.24
CA THR B 135 4.57 41.84 13.63
C THR B 135 5.06 41.42 15.01
N CYS B 136 6.38 41.20 15.14
CA CYS B 136 7.04 40.82 16.39
C CYS B 136 7.75 42.03 16.97
N GLN B 137 7.04 42.80 17.82
CA GLN B 137 7.57 44.01 18.45
C GLN B 137 8.45 43.64 19.65
N PRO B 138 9.78 43.87 19.59
CA PRO B 138 10.63 43.53 20.75
C PRO B 138 10.60 44.59 21.84
N GLN B 139 10.48 44.15 23.11
CA GLN B 139 10.47 45.04 24.27
C GLN B 139 11.89 45.32 24.74
N MET B 140 12.77 44.32 24.65
CA MET B 140 14.19 44.40 25.03
C MET B 140 14.96 45.25 24.02
N THR B 141 15.95 46.03 24.51
CA THR B 141 16.79 46.92 23.70
C THR B 141 17.99 46.16 23.09
N TRP B 142 18.28 44.96 23.61
CA TRP B 142 19.38 44.08 23.19
C TRP B 142 19.32 43.78 21.68
N PRO B 143 20.45 43.84 20.95
CA PRO B 143 20.42 43.57 19.50
C PRO B 143 20.01 42.14 19.19
N VAL B 144 18.95 41.99 18.39
CA VAL B 144 18.37 40.68 18.01
C VAL B 144 19.26 40.02 16.95
N GLN B 145 19.63 38.74 17.18
CA GLN B 145 20.45 37.94 16.28
C GLN B 145 19.65 36.82 15.59
N ALA B 146 18.63 36.26 16.29
CA ALA B 146 17.80 35.17 15.74
C ALA B 146 16.31 35.39 16.03
N VAL B 147 15.46 35.13 15.01
CA VAL B 147 13.99 35.27 15.07
C VAL B 147 13.33 34.00 14.53
N ARG B 148 12.35 33.44 15.25
CA ARG B 148 11.63 32.26 14.78
C ARG B 148 10.13 32.35 15.12
N TRP B 149 9.28 32.11 14.10
CA TRP B 149 7.83 32.12 14.20
C TRP B 149 7.31 30.69 14.27
N GLU B 150 6.33 30.44 15.16
CA GLU B 150 5.74 29.11 15.37
C GLU B 150 4.22 29.15 15.50
N LYS B 151 3.53 28.14 14.93
CA LYS B 151 2.08 27.98 15.04
C LYS B 151 1.82 27.02 16.20
N ILE B 152 1.08 27.48 17.23
CA ILE B 152 0.81 26.67 18.41
C ILE B 152 -0.62 26.14 18.39
N GLN B 153 -0.73 24.81 18.50
CA GLN B 153 -1.96 24.02 18.57
C GLN B 153 -1.87 23.14 19.83
N PRO B 154 -2.98 22.72 20.47
CA PRO B 154 -2.85 21.90 21.69
C PRO B 154 -2.17 20.53 21.46
N ARG B 155 -2.29 19.99 20.23
CA ARG B 155 -1.73 18.69 19.86
C ARG B 155 -0.33 18.77 19.22
N GLN B 156 0.08 19.96 18.66
CA GLN B 156 1.38 20.12 18.01
C GLN B 156 1.84 21.58 17.89
N ILE B 157 3.17 21.80 17.86
CA ILE B 157 3.80 23.10 17.69
C ILE B 157 4.68 23.04 16.43
N ASP B 158 4.28 23.74 15.36
CA ASP B 158 4.98 23.72 14.07
C ASP B 158 5.76 25.01 13.82
N LEU B 159 7.05 24.85 13.42
CA LEU B 159 7.95 25.96 13.10
C LEU B 159 7.61 26.52 11.71
N LEU B 160 7.21 27.80 11.65
CA LEU B 160 6.82 28.49 10.42
C LEU B 160 8.05 29.01 9.66
N THR B 161 8.81 29.94 10.25
CA THR B 161 10.00 30.54 9.64
C THR B 161 11.11 30.72 10.67
N TYR B 162 12.37 30.64 10.20
CA TYR B 162 13.57 30.85 11.01
C TYR B 162 14.46 31.87 10.30
N CYS B 163 15.03 32.80 11.07
CA CYS B 163 15.90 33.84 10.54
C CYS B 163 17.11 34.06 11.44
N ASN B 164 18.32 33.99 10.86
CA ASN B 164 19.58 34.22 11.54
C ASN B 164 20.27 35.40 10.88
N LEU B 165 20.47 36.49 11.66
CA LEU B 165 21.06 37.74 11.18
C LEU B 165 22.61 37.77 11.26
N VAL B 166 23.23 36.65 11.70
CA VAL B 166 24.69 36.51 11.79
C VAL B 166 25.16 35.51 10.72
N HIS B 167 24.54 34.32 10.65
CA HIS B 167 24.84 33.26 9.69
C HIS B 167 23.58 32.52 9.28
N PHE B 171 17.73 27.47 5.60
CA PHE B 171 16.54 26.86 6.19
C PHE B 171 15.38 26.84 5.17
N THR B 172 14.61 25.75 5.18
CA THR B 172 13.43 25.55 4.33
C THR B 172 12.22 25.25 5.22
N SER B 173 11.11 25.98 5.02
CA SER B 173 9.88 25.81 5.79
C SER B 173 9.16 24.51 5.40
N LYS B 174 9.00 23.60 6.38
CA LYS B 174 8.34 22.31 6.19
C LYS B 174 6.80 22.41 6.30
N PHE B 175 6.30 23.59 6.71
CA PHE B 175 4.86 23.89 6.85
C PHE B 175 4.18 23.90 5.47
N PRO B 176 3.01 23.22 5.31
CA PRO B 176 2.37 23.16 3.97
C PRO B 176 1.79 24.51 3.50
N ARG B 177 1.48 25.41 4.44
CA ARG B 177 0.92 26.73 4.16
C ARG B 177 2.03 27.70 3.74
N GLN B 178 1.74 28.61 2.78
CA GLN B 178 2.66 29.61 2.28
C GLN B 178 2.68 30.85 3.18
N ILE B 179 3.88 31.25 3.64
CA ILE B 179 4.12 32.41 4.50
C ILE B 179 5.31 33.20 3.93
N VAL B 180 5.08 34.49 3.58
CA VAL B 180 6.11 35.37 3.02
C VAL B 180 6.81 36.14 4.16
N SER B 181 8.14 36.00 4.25
CA SER B 181 8.99 36.64 5.26
C SER B 181 10.33 37.08 4.67
N ASN B 182 10.85 38.22 5.14
CA ASN B 182 12.14 38.76 4.71
C ASN B 182 13.16 38.67 5.84
N CYS B 183 14.37 38.20 5.54
CA CYS B 183 15.45 38.05 6.51
C CYS B 183 16.38 39.27 6.55
N SER B 184 16.28 40.15 5.54
CA SER B 184 17.08 41.37 5.41
C SER B 184 16.84 42.34 6.57
N HIS B 185 17.85 43.20 6.86
CA HIS B 185 17.81 44.19 7.94
C HIS B 185 16.70 45.22 7.72
N GLY B 186 15.85 45.37 8.73
CA GLY B 186 14.72 46.29 8.71
C GLY B 186 13.42 45.68 8.23
N ARG B 187 13.32 44.33 8.17
CA ARG B 187 12.13 43.61 7.71
C ARG B 187 11.94 42.24 8.41
N TRP B 188 12.88 41.83 9.29
CA TRP B 188 12.86 40.52 9.95
C TRP B 188 11.70 40.31 10.95
N SER B 189 11.08 41.37 11.48
CA SER B 189 10.01 41.24 12.47
C SER B 189 8.61 41.16 11.82
N VAL B 190 8.52 41.27 10.48
CA VAL B 190 7.25 41.25 9.76
C VAL B 190 7.12 39.94 8.93
N ILE B 191 5.97 39.25 9.09
CA ILE B 191 5.60 38.03 8.35
C ILE B 191 4.15 38.20 7.86
N VAL B 192 3.91 37.94 6.56
CA VAL B 192 2.58 38.07 5.95
C VAL B 192 2.02 36.72 5.52
N ILE B 193 0.71 36.51 5.75
CA ILE B 193 -0.01 35.28 5.39
C ILE B 193 -1.02 35.64 4.26
N PRO B 194 -0.75 35.24 3.00
CA PRO B 194 -1.68 35.61 1.91
C PRO B 194 -2.84 34.63 1.72
N ASP B 195 -4.07 35.17 1.52
CA ASP B 195 -5.34 34.46 1.32
C ASP B 195 -5.61 33.50 2.51
N VAL B 196 -5.95 34.09 3.67
CA VAL B 196 -6.19 33.38 4.93
C VAL B 196 -7.54 32.62 4.88
N THR B 197 -7.48 31.31 5.20
CA THR B 197 -8.64 30.41 5.25
C THR B 197 -9.08 30.21 6.73
N VAL B 198 -10.09 29.35 6.96
CA VAL B 198 -10.64 29.05 8.29
C VAL B 198 -9.63 28.25 9.12
N SER B 199 -8.87 27.34 8.47
CA SER B 199 -7.87 26.45 9.09
C SER B 199 -6.64 27.21 9.63
N ASP B 200 -6.37 28.43 9.11
CA ASP B 200 -5.23 29.26 9.52
C ASP B 200 -5.40 29.89 10.92
N SER B 201 -6.63 29.89 11.48
CA SER B 201 -6.95 30.44 12.80
C SER B 201 -6.25 29.65 13.91
N GLY B 202 -5.69 30.37 14.88
CA GLY B 202 -4.99 29.80 16.03
C GLY B 202 -3.99 30.73 16.67
N LEU B 203 -3.05 30.16 17.44
CA LEU B 203 -2.01 30.90 18.16
C LEU B 203 -0.71 30.96 17.34
N TYR B 204 -0.09 32.16 17.30
CA TYR B 204 1.16 32.42 16.59
C TYR B 204 2.20 32.98 17.56
N ARG B 205 3.20 32.16 17.90
CA ARG B 205 4.27 32.48 18.85
C ARG B 205 5.51 32.97 18.12
N CYS B 206 6.16 34.00 18.68
CA CYS B 206 7.40 34.58 18.17
C CYS B 206 8.48 34.51 19.23
N TYR B 207 9.67 34.07 18.86
CA TYR B 207 10.81 33.97 19.77
C TYR B 207 11.99 34.77 19.22
N LEU B 208 12.54 35.66 20.07
CA LEU B 208 13.69 36.52 19.72
C LEU B 208 14.89 36.15 20.58
N GLN B 209 16.07 36.03 19.95
CA GLN B 209 17.31 35.68 20.65
C GLN B 209 18.41 36.70 20.38
N ALA B 210 19.12 37.12 21.44
CA ALA B 210 20.20 38.10 21.38
C ALA B 210 21.56 37.42 21.54
N GLY B 213 21.99 35.40 24.16
CA GLY B 213 21.85 35.96 25.49
C GLY B 213 20.41 36.02 25.97
N GLU B 214 19.85 37.24 26.08
CA GLU B 214 18.48 37.50 26.51
C GLU B 214 17.47 37.02 25.47
N ASN B 215 16.24 36.66 25.91
CA ASN B 215 15.20 36.17 25.02
C ASN B 215 13.83 36.79 25.35
N GLU B 216 12.99 36.94 24.30
CA GLU B 216 11.64 37.48 24.39
C GLU B 216 10.64 36.60 23.64
N THR B 217 9.43 36.43 24.19
CA THR B 217 8.38 35.59 23.61
C THR B 217 7.06 36.37 23.54
N PHE B 218 6.41 36.35 22.35
CA PHE B 218 5.14 37.04 22.10
C PHE B 218 4.16 36.12 21.35
N VAL B 219 2.94 35.97 21.89
CA VAL B 219 1.89 35.11 21.32
C VAL B 219 0.74 35.97 20.78
N MET B 220 0.26 35.66 19.56
CA MET B 220 -0.84 36.37 18.91
C MET B 220 -1.97 35.41 18.53
N ARG B 221 -3.23 35.80 18.84
CA ARG B 221 -4.42 34.99 18.55
C ARG B 221 -5.03 35.35 17.20
N LEU B 222 -5.53 34.34 16.47
CA LEU B 222 -6.16 34.49 15.15
C LEU B 222 -7.23 33.42 14.96
N GLU C 2 -17.70 3.09 -14.04
CA GLU C 2 -16.34 3.26 -13.50
C GLU C 2 -15.83 1.97 -12.84
N ASP C 3 -16.75 1.17 -12.27
CA ASP C 3 -16.44 -0.09 -11.58
C ASP C 3 -16.76 -1.32 -12.45
N VAL C 4 -16.07 -2.44 -12.19
CA VAL C 4 -16.25 -3.72 -12.89
C VAL C 4 -17.57 -4.37 -12.43
N VAL C 5 -18.46 -4.69 -13.39
CA VAL C 5 -19.75 -5.30 -13.10
C VAL C 5 -19.86 -6.68 -13.74
N VAL C 6 -20.58 -7.59 -13.06
CA VAL C 6 -20.79 -8.96 -13.55
C VAL C 6 -22.12 -9.00 -14.29
N GLN C 7 -22.07 -9.28 -15.59
CA GLN C 7 -23.24 -9.38 -16.46
C GLN C 7 -23.71 -10.83 -16.52
N ALA C 8 -24.93 -11.08 -16.02
CA ALA C 8 -25.56 -12.41 -15.98
C ALA C 8 -27.08 -12.30 -15.86
N PRO C 9 -27.88 -13.21 -16.46
CA PRO C 9 -29.34 -13.14 -16.28
C PRO C 9 -29.76 -13.52 -14.86
N THR C 10 -30.92 -13.03 -14.41
CA THR C 10 -31.46 -13.32 -13.08
C THR C 10 -31.88 -14.79 -12.99
N GLN C 11 -32.57 -15.31 -14.03
CA GLN C 11 -33.02 -16.69 -14.12
C GLN C 11 -32.62 -17.31 -15.47
N VAL C 12 -32.39 -18.64 -15.49
CA VAL C 12 -32.04 -19.39 -16.71
C VAL C 12 -32.99 -20.60 -16.84
N PRO C 13 -33.86 -20.65 -17.87
CA PRO C 13 -34.74 -21.82 -18.02
C PRO C 13 -34.05 -22.96 -18.76
N GLY C 14 -33.91 -24.09 -18.08
CA GLY C 14 -33.29 -25.29 -18.64
C GLY C 14 -34.25 -26.45 -18.71
N PHE C 15 -34.09 -27.35 -19.70
CA PHE C 15 -34.98 -28.50 -19.84
C PHE C 15 -34.34 -29.78 -19.31
N LEU C 16 -35.15 -30.60 -18.63
CA LEU C 16 -34.76 -31.88 -18.03
C LEU C 16 -34.25 -32.84 -19.11
N GLY C 17 -33.05 -33.38 -18.90
CA GLY C 17 -32.39 -34.28 -19.84
C GLY C 17 -31.47 -33.56 -20.80
N ASP C 18 -31.77 -32.28 -21.09
CA ASP C 18 -31.01 -31.40 -21.97
C ASP C 18 -29.82 -30.76 -21.24
N SER C 19 -28.96 -30.06 -22.00
CA SER C 19 -27.79 -29.38 -21.47
C SER C 19 -27.95 -27.87 -21.62
N VAL C 20 -27.77 -27.13 -20.52
CA VAL C 20 -27.89 -25.66 -20.50
C VAL C 20 -26.54 -25.02 -20.12
N THR C 21 -26.35 -23.75 -20.51
CA THR C 21 -25.16 -22.95 -20.17
C THR C 21 -25.64 -21.78 -19.30
N LEU C 22 -24.98 -21.58 -18.15
CA LEU C 22 -25.28 -20.47 -17.24
C LEU C 22 -24.39 -19.30 -17.62
N PRO C 23 -24.93 -18.24 -18.29
CA PRO C 23 -24.07 -17.13 -18.72
C PRO C 23 -23.60 -16.28 -17.56
N CYS C 24 -22.29 -15.95 -17.54
CA CYS C 24 -21.64 -15.14 -16.52
C CYS C 24 -20.38 -14.51 -17.10
N TYR C 25 -20.42 -13.20 -17.37
CA TYR C 25 -19.31 -12.45 -17.95
C TYR C 25 -18.96 -11.24 -17.08
N LEU C 26 -17.67 -10.88 -17.02
CA LEU C 26 -17.23 -9.72 -16.25
C LEU C 26 -16.92 -8.55 -17.18
N GLN C 27 -17.77 -7.51 -17.12
CA GLN C 27 -17.61 -6.30 -17.92
C GLN C 27 -16.59 -5.39 -17.23
N VAL C 28 -15.47 -5.12 -17.92
CA VAL C 28 -14.37 -4.28 -17.43
C VAL C 28 -14.35 -2.98 -18.25
N PRO C 29 -14.40 -1.78 -17.62
CA PRO C 29 -14.38 -0.52 -18.40
C PRO C 29 -13.15 -0.41 -19.31
N ASN C 30 -13.34 0.19 -20.50
CA ASN C 30 -12.37 0.36 -21.58
C ASN C 30 -10.93 0.57 -21.11
N MET C 31 -10.66 1.63 -20.31
CA MET C 31 -9.32 1.95 -19.84
C MET C 31 -9.00 1.45 -18.42
N GLU C 32 -9.91 0.66 -17.81
CA GLU C 32 -9.68 0.12 -16.47
C GLU C 32 -8.90 -1.20 -16.57
N VAL C 33 -7.89 -1.37 -15.69
CA VAL C 33 -7.05 -2.56 -15.66
C VAL C 33 -7.35 -3.38 -14.39
N THR C 34 -7.60 -4.70 -14.56
CA THR C 34 -7.89 -5.64 -13.47
C THR C 34 -7.16 -6.97 -13.67
N HIS C 35 -6.98 -7.75 -12.60
CA HIS C 35 -6.34 -9.05 -12.67
C HIS C 35 -7.23 -10.14 -12.07
N VAL C 36 -7.85 -10.94 -12.96
CA VAL C 36 -8.70 -12.05 -12.56
C VAL C 36 -7.81 -13.28 -12.44
N SER C 37 -7.72 -13.85 -11.23
CA SER C 37 -6.87 -15.01 -10.98
C SER C 37 -7.68 -16.28 -10.70
N GLN C 38 -8.99 -16.14 -10.44
CA GLN C 38 -9.85 -17.28 -10.15
C GLN C 38 -11.32 -17.04 -10.46
N LEU C 39 -12.00 -18.11 -10.89
CA LEU C 39 -13.44 -18.17 -11.17
C LEU C 39 -14.02 -19.25 -10.27
N THR C 40 -15.15 -18.98 -9.61
CA THR C 40 -15.76 -19.95 -8.69
C THR C 40 -17.28 -20.04 -8.93
N TRP C 41 -17.80 -21.27 -8.90
CA TRP C 41 -19.22 -21.60 -9.01
C TRP C 41 -19.63 -22.39 -7.79
N ALA C 42 -20.66 -21.93 -7.09
CA ALA C 42 -21.15 -22.58 -5.88
C ALA C 42 -22.67 -22.58 -5.82
N ARG C 43 -23.22 -23.55 -5.06
CA ARG C 43 -24.65 -23.69 -4.86
CA ARG C 43 -24.66 -23.70 -4.85
C ARG C 43 -25.04 -23.12 -3.50
N HIS C 44 -26.20 -22.42 -3.43
CA HIS C 44 -26.70 -21.84 -2.20
C HIS C 44 -27.09 -22.95 -1.22
N GLY C 45 -26.40 -22.99 -0.10
CA GLY C 45 -26.61 -24.01 0.93
C GLY C 45 -25.57 -25.11 0.92
N GLU C 46 -24.88 -25.33 -0.22
CA GLU C 46 -23.86 -26.38 -0.35
C GLU C 46 -22.59 -26.02 0.44
N SER C 47 -21.90 -27.06 0.95
CA SER C 47 -20.70 -26.98 1.80
C SER C 47 -19.48 -26.33 1.13
N GLY C 48 -19.34 -26.49 -0.19
CA GLY C 48 -18.22 -25.93 -0.94
C GLY C 48 -18.55 -25.41 -2.32
N SER C 49 -17.55 -25.44 -3.21
CA SER C 49 -17.67 -24.97 -4.60
C SER C 49 -17.76 -26.15 -5.57
N MET C 50 -18.67 -26.05 -6.54
CA MET C 50 -18.91 -27.12 -7.53
C MET C 50 -17.96 -27.02 -8.73
N ALA C 51 -17.40 -25.82 -9.00
CA ALA C 51 -16.46 -25.56 -10.09
C ALA C 51 -15.54 -24.40 -9.75
N VAL C 52 -14.23 -24.61 -9.88
CA VAL C 52 -13.19 -23.61 -9.60
C VAL C 52 -12.22 -23.59 -10.78
N PHE C 53 -11.85 -22.39 -11.27
CA PHE C 53 -10.90 -22.22 -12.37
C PHE C 53 -9.77 -21.29 -11.95
N HIS C 54 -8.55 -21.82 -11.87
CA HIS C 54 -7.35 -21.05 -11.53
C HIS C 54 -6.63 -20.67 -12.81
N GLN C 55 -6.07 -19.44 -12.85
CA GLN C 55 -5.38 -18.85 -14.01
C GLN C 55 -4.17 -19.69 -14.50
N THR C 56 -3.56 -20.52 -13.63
CA THR C 56 -2.39 -21.34 -13.99
C THR C 56 -2.64 -22.84 -13.75
N GLN C 57 -3.55 -23.19 -12.83
CA GLN C 57 -3.85 -24.59 -12.49
C GLN C 57 -5.06 -25.16 -13.24
N GLY C 58 -5.80 -24.31 -13.92
CA GLY C 58 -6.97 -24.72 -14.71
C GLY C 58 -8.21 -25.08 -13.92
N PRO C 59 -9.10 -25.93 -14.48
CA PRO C 59 -10.35 -26.23 -13.78
C PRO C 59 -10.28 -27.40 -12.81
N SER C 60 -11.17 -27.35 -11.81
CA SER C 60 -11.44 -28.35 -10.79
C SER C 60 -12.94 -28.41 -10.61
N TYR C 61 -13.54 -29.59 -10.82
CA TYR C 61 -14.99 -29.76 -10.70
C TYR C 61 -15.37 -30.80 -9.66
N SER C 62 -16.56 -30.63 -9.06
CA SER C 62 -17.13 -31.58 -8.11
C SER C 62 -17.64 -32.79 -8.90
N GLU C 63 -18.29 -32.51 -10.05
CA GLU C 63 -18.81 -33.49 -11.02
C GLU C 63 -18.20 -33.16 -12.39
N SER C 64 -16.97 -33.66 -12.62
CA SER C 64 -16.14 -33.41 -13.82
C SER C 64 -16.79 -33.86 -15.14
N LYS C 65 -17.72 -34.83 -15.11
CA LYS C 65 -18.39 -35.35 -16.30
C LYS C 65 -19.76 -34.67 -16.54
N ARG C 66 -20.15 -33.74 -15.64
CA ARG C 66 -21.44 -33.02 -15.69
C ARG C 66 -21.26 -31.51 -15.89
N LEU C 67 -20.08 -30.97 -15.53
CA LEU C 67 -19.78 -29.54 -15.61
C LEU C 67 -18.60 -29.25 -16.50
N GLU C 68 -18.58 -28.05 -17.13
CA GLU C 68 -17.51 -27.58 -18.01
C GLU C 68 -17.49 -26.06 -18.14
N PHE C 69 -16.28 -25.47 -18.13
CA PHE C 69 -16.07 -24.04 -18.37
C PHE C 69 -15.90 -23.89 -19.87
N VAL C 70 -16.95 -23.38 -20.54
CA VAL C 70 -16.99 -23.27 -22.01
C VAL C 70 -16.15 -22.11 -22.58
N ALA C 71 -15.85 -21.07 -21.77
CA ALA C 71 -15.12 -19.90 -22.25
C ALA C 71 -13.92 -19.52 -21.36
N ALA C 72 -13.48 -20.43 -20.48
CA ALA C 72 -12.33 -20.21 -19.60
C ALA C 72 -11.20 -21.13 -20.01
N ARG C 73 -10.04 -20.55 -20.33
CA ARG C 73 -8.85 -21.28 -20.79
C ARG C 73 -7.58 -20.67 -20.21
N LEU C 74 -6.52 -21.50 -20.10
CA LEU C 74 -5.19 -21.08 -19.65
C LEU C 74 -4.53 -20.26 -20.76
N GLY C 75 -3.72 -19.27 -20.38
CA GLY C 75 -3.02 -18.41 -21.33
C GLY C 75 -3.93 -17.39 -21.99
N ALA C 76 -4.99 -16.98 -21.27
CA ALA C 76 -5.99 -16.00 -21.68
C ALA C 76 -6.63 -15.34 -20.46
N GLU C 77 -7.02 -14.04 -20.59
CA GLU C 77 -7.66 -13.29 -19.50
C GLU C 77 -9.03 -13.88 -19.17
N LEU C 78 -9.24 -14.26 -17.90
CA LEU C 78 -10.49 -14.84 -17.43
C LEU C 78 -11.57 -13.76 -17.33
N ARG C 79 -12.44 -13.68 -18.35
CA ARG C 79 -13.51 -12.68 -18.39
C ARG C 79 -14.88 -13.34 -18.47
N ASN C 80 -14.95 -14.52 -19.10
CA ASN C 80 -16.20 -15.27 -19.26
C ASN C 80 -16.16 -16.56 -18.43
N ALA C 81 -16.98 -16.61 -17.36
CA ALA C 81 -17.07 -17.76 -16.46
C ALA C 81 -18.30 -18.62 -16.76
N SER C 82 -18.85 -18.55 -18.00
CA SER C 82 -20.02 -19.35 -18.38
C SER C 82 -19.75 -20.83 -18.18
N LEU C 83 -20.68 -21.51 -17.49
CA LEU C 83 -20.58 -22.92 -17.15
C LEU C 83 -21.71 -23.71 -17.78
N ARG C 84 -21.35 -24.78 -18.51
CA ARG C 84 -22.33 -25.67 -19.13
C ARG C 84 -22.59 -26.86 -18.20
N MET C 85 -23.88 -27.16 -17.99
CA MET C 85 -24.34 -28.27 -17.17
C MET C 85 -24.94 -29.33 -18.08
N PHE C 86 -24.33 -30.51 -18.12
CA PHE C 86 -24.77 -31.63 -18.96
C PHE C 86 -25.77 -32.52 -18.22
N GLY C 87 -26.78 -32.98 -18.96
CA GLY C 87 -27.84 -33.85 -18.47
C GLY C 87 -28.54 -33.31 -17.24
N LEU C 88 -29.40 -32.30 -17.43
CA LEU C 88 -30.14 -31.63 -16.37
C LEU C 88 -31.06 -32.57 -15.60
N ARG C 89 -30.99 -32.46 -14.27
CA ARG C 89 -31.75 -33.23 -13.29
C ARG C 89 -32.65 -32.28 -12.49
N VAL C 90 -33.69 -32.82 -11.82
CA VAL C 90 -34.64 -32.04 -11.02
C VAL C 90 -33.90 -31.45 -9.78
N GLU C 91 -32.89 -32.18 -9.27
CA GLU C 91 -32.08 -31.78 -8.11
C GLU C 91 -31.14 -30.60 -8.44
N ASP C 92 -30.98 -30.27 -9.75
CA ASP C 92 -30.14 -29.16 -10.22
C ASP C 92 -30.90 -27.81 -10.16
N GLU C 93 -32.22 -27.82 -9.86
CA GLU C 93 -33.01 -26.59 -9.76
C GLU C 93 -32.64 -25.86 -8.47
N GLY C 94 -32.13 -24.65 -8.61
CA GLY C 94 -31.72 -23.83 -7.48
C GLY C 94 -30.99 -22.55 -7.83
N ASN C 95 -30.51 -21.85 -6.79
CA ASN C 95 -29.79 -20.59 -6.92
C ASN C 95 -28.30 -20.86 -6.87
N TYR C 96 -27.60 -20.38 -7.89
CA TYR C 96 -26.17 -20.56 -8.09
C TYR C 96 -25.43 -19.22 -7.96
N THR C 97 -24.18 -19.26 -7.48
CA THR C 97 -23.36 -18.07 -7.33
C THR C 97 -22.15 -18.15 -8.26
N CYS C 98 -21.94 -17.11 -9.07
CA CYS C 98 -20.82 -16.98 -9.98
C CYS C 98 -19.88 -15.93 -9.41
N LEU C 99 -18.63 -16.32 -9.10
CA LEU C 99 -17.66 -15.43 -8.49
C LEU C 99 -16.43 -15.20 -9.38
N PHE C 100 -15.93 -13.96 -9.37
CA PHE C 100 -14.74 -13.50 -10.07
C PHE C 100 -13.76 -12.92 -9.05
N VAL C 101 -12.64 -13.59 -8.79
CA VAL C 101 -11.61 -13.11 -7.86
C VAL C 101 -10.75 -12.08 -8.63
N THR C 102 -11.01 -10.78 -8.46
CA THR C 102 -10.28 -9.73 -9.19
C THR C 102 -9.43 -8.85 -8.26
N PHE C 103 -8.39 -8.21 -8.82
CA PHE C 103 -7.47 -7.31 -8.12
C PHE C 103 -7.23 -6.03 -8.94
N PRO C 104 -7.25 -4.83 -8.32
CA PRO C 104 -7.45 -4.52 -6.89
C PRO C 104 -8.91 -4.24 -6.50
N GLN C 105 -9.88 -4.55 -7.39
CA GLN C 105 -11.30 -4.29 -7.14
C GLN C 105 -11.93 -5.26 -6.12
N GLY C 106 -11.37 -6.47 -6.01
CA GLY C 106 -11.89 -7.50 -5.10
C GLY C 106 -12.81 -8.47 -5.80
N SER C 107 -13.32 -9.46 -5.06
CA SER C 107 -14.23 -10.48 -5.61
C SER C 107 -15.56 -9.86 -6.04
N ARG C 108 -16.08 -10.31 -7.18
CA ARG C 108 -17.34 -9.84 -7.74
C ARG C 108 -18.25 -11.04 -7.99
N SER C 109 -19.44 -11.03 -7.37
CA SER C 109 -20.42 -12.11 -7.44
C SER C 109 -21.73 -11.69 -8.07
N VAL C 110 -22.50 -12.70 -8.52
CA VAL C 110 -23.84 -12.58 -9.11
C VAL C 110 -24.57 -13.92 -8.87
N ASP C 111 -25.87 -13.83 -8.55
CA ASP C 111 -26.70 -15.02 -8.30
C ASP C 111 -27.59 -15.30 -9.51
N ILE C 112 -27.60 -16.56 -9.97
CA ILE C 112 -28.39 -17.03 -11.11
C ILE C 112 -29.31 -18.16 -10.65
N TRP C 113 -30.62 -18.03 -10.91
CA TRP C 113 -31.62 -19.02 -10.54
C TRP C 113 -31.90 -19.97 -11.71
N LEU C 114 -31.39 -21.22 -11.61
CA LEU C 114 -31.60 -22.24 -12.63
C LEU C 114 -32.94 -22.94 -12.37
N ARG C 115 -33.81 -22.98 -13.39
CA ARG C 115 -35.14 -23.58 -13.29
C ARG C 115 -35.24 -24.74 -14.27
N VAL C 116 -35.48 -25.96 -13.75
CA VAL C 116 -35.58 -27.17 -14.57
C VAL C 116 -37.05 -27.33 -14.99
N LEU C 117 -37.28 -27.37 -16.32
CA LEU C 117 -38.61 -27.47 -16.91
C LEU C 117 -38.76 -28.72 -17.78
N ALA C 118 -40.01 -29.06 -18.12
CA ALA C 118 -40.37 -30.18 -19.00
C ALA C 118 -41.61 -29.80 -19.79
N LYS C 119 -41.49 -29.77 -21.13
CA LYS C 119 -42.60 -29.42 -22.01
C LYS C 119 -43.61 -30.57 -22.04
N PRO C 120 -44.86 -30.38 -21.58
CA PRO C 120 -45.81 -31.48 -21.58
C PRO C 120 -46.44 -31.76 -22.95
N GLN C 121 -46.80 -33.02 -23.20
CA GLN C 121 -47.48 -33.47 -24.42
C GLN C 121 -48.98 -33.45 -24.17
N ASN C 122 -49.74 -32.72 -25.01
CA ASN C 122 -51.19 -32.57 -24.84
C ASN C 122 -52.01 -33.50 -25.74
N THR C 123 -53.00 -34.18 -25.14
CA THR C 123 -53.93 -35.11 -25.79
C THR C 123 -55.35 -34.83 -25.30
N ALA C 124 -56.33 -34.86 -26.21
CA ALA C 124 -57.72 -34.65 -25.88
C ALA C 124 -58.60 -35.68 -26.59
N GLU C 125 -59.38 -36.45 -25.81
CA GLU C 125 -60.24 -37.50 -26.34
C GLU C 125 -61.67 -37.42 -25.78
N VAL C 126 -62.63 -38.00 -26.52
CA VAL C 126 -64.04 -38.07 -26.17
C VAL C 126 -64.26 -39.19 -25.15
N GLN C 127 -65.24 -39.01 -24.25
CA GLN C 127 -65.64 -40.01 -23.28
C GLN C 127 -67.11 -40.35 -23.60
N LYS C 128 -67.31 -41.21 -24.64
CA LYS C 128 -68.61 -41.65 -25.13
C LYS C 128 -69.39 -42.36 -24.02
N VAL C 129 -70.59 -41.87 -23.71
CA VAL C 129 -71.42 -42.40 -22.64
C VAL C 129 -72.92 -42.41 -23.05
N GLN C 130 -73.72 -43.26 -22.37
CA GLN C 130 -75.16 -43.40 -22.58
C GLN C 130 -75.92 -42.43 -21.66
N LEU C 131 -77.26 -42.30 -21.85
CA LEU C 131 -78.10 -41.42 -21.04
C LEU C 131 -78.20 -41.90 -19.59
N THR C 132 -77.92 -40.99 -18.65
CA THR C 132 -77.96 -41.19 -17.20
C THR C 132 -78.47 -39.92 -16.52
N GLY C 133 -79.03 -40.08 -15.33
CA GLY C 133 -79.54 -38.97 -14.53
C GLY C 133 -78.43 -38.18 -13.88
N GLU C 134 -77.45 -38.89 -13.30
CA GLU C 134 -76.28 -38.33 -12.63
C GLU C 134 -75.27 -37.76 -13.65
N PRO C 135 -74.48 -36.71 -13.31
CA PRO C 135 -73.50 -36.19 -14.28
C PRO C 135 -72.26 -37.08 -14.36
N VAL C 136 -71.82 -37.38 -15.59
CA VAL C 136 -70.68 -38.28 -15.88
C VAL C 136 -69.65 -37.62 -16.82
N PRO C 137 -68.35 -38.03 -16.82
CA PRO C 137 -67.38 -37.41 -17.74
C PRO C 137 -67.72 -37.68 -19.21
N MET C 138 -67.62 -36.64 -20.04
CA MET C 138 -67.96 -36.70 -21.47
C MET C 138 -66.78 -36.26 -22.36
N ALA C 139 -65.73 -35.71 -21.75
CA ALA C 139 -64.51 -35.27 -22.43
C ALA C 139 -63.31 -35.40 -21.50
N ARG C 140 -62.14 -35.69 -22.06
CA ARG C 140 -60.89 -35.85 -21.32
C ARG C 140 -59.78 -35.04 -21.96
N CYS C 141 -58.98 -34.34 -21.14
CA CYS C 141 -57.83 -33.56 -21.59
C CYS C 141 -56.64 -33.89 -20.71
N VAL C 142 -55.60 -34.49 -21.31
CA VAL C 142 -54.41 -34.95 -20.61
C VAL C 142 -53.17 -34.15 -21.06
N SER C 143 -52.39 -33.68 -20.08
CA SER C 143 -51.13 -32.96 -20.27
C SER C 143 -50.04 -33.77 -19.55
N THR C 144 -49.48 -34.77 -20.26
CA THR C 144 -48.50 -35.74 -19.75
C THR C 144 -47.09 -35.14 -19.57
N GLY C 145 -46.47 -35.49 -18.44
CA GLY C 145 -45.12 -35.14 -18.04
C GLY C 145 -44.70 -33.70 -18.21
N GLY C 146 -45.18 -32.84 -17.31
CA GLY C 146 -44.86 -31.42 -17.32
C GLY C 146 -44.27 -30.93 -16.02
N ARG C 147 -43.26 -30.04 -16.13
CA ARG C 147 -42.61 -29.42 -14.97
C ARG C 147 -42.50 -27.92 -15.23
N PRO C 148 -43.27 -27.05 -14.53
CA PRO C 148 -44.28 -27.35 -13.48
C PRO C 148 -45.56 -27.96 -14.07
N PRO C 149 -46.52 -28.48 -13.25
CA PRO C 149 -47.75 -29.05 -13.84
C PRO C 149 -48.50 -28.01 -14.68
N ALA C 150 -48.94 -28.41 -15.89
CA ALA C 150 -49.66 -27.53 -16.81
C ALA C 150 -51.06 -27.20 -16.31
N GLN C 151 -51.56 -25.99 -16.62
CA GLN C 151 -52.89 -25.53 -16.23
C GLN C 151 -53.87 -25.78 -17.36
N ILE C 152 -54.88 -26.63 -17.10
CA ILE C 152 -55.91 -27.00 -18.07
C ILE C 152 -57.23 -26.28 -17.74
N THR C 153 -57.77 -25.54 -18.71
CA THR C 153 -59.06 -24.83 -18.60
C THR C 153 -59.94 -25.30 -19.77
N TRP C 154 -61.24 -24.99 -19.71
CA TRP C 154 -62.21 -25.36 -20.76
C TRP C 154 -63.09 -24.20 -21.17
N HIS C 155 -63.62 -24.25 -22.40
CA HIS C 155 -64.60 -23.31 -22.93
C HIS C 155 -65.71 -24.09 -23.61
N SER C 156 -66.96 -23.86 -23.16
CA SER C 156 -68.12 -24.56 -23.68
C SER C 156 -69.37 -23.67 -23.73
N ASP C 157 -70.32 -24.07 -24.60
CA ASP C 157 -71.63 -23.44 -24.75
C ASP C 157 -72.68 -24.30 -24.05
N LEU C 158 -72.20 -25.27 -23.23
CA LEU C 158 -72.95 -26.19 -22.38
C LEU C 158 -72.41 -26.11 -20.95
N GLY C 159 -73.30 -26.20 -19.96
CA GLY C 159 -72.94 -26.07 -18.55
C GLY C 159 -72.34 -27.29 -17.89
N GLY C 160 -71.08 -27.58 -18.23
CA GLY C 160 -70.34 -28.71 -17.68
C GLY C 160 -69.25 -28.33 -16.71
N MET C 161 -69.21 -29.01 -15.54
CA MET C 161 -68.23 -28.79 -14.47
C MET C 161 -66.99 -29.68 -14.65
N PRO C 162 -65.76 -29.15 -14.46
CA PRO C 162 -64.56 -29.99 -14.65
C PRO C 162 -64.01 -30.62 -13.36
N ASN C 163 -63.34 -31.78 -13.52
CA ASN C 163 -62.65 -32.52 -12.46
C ASN C 163 -61.20 -32.71 -12.91
N THR C 164 -60.25 -32.22 -12.13
CA THR C 164 -58.83 -32.33 -12.46
C THR C 164 -58.12 -33.16 -11.38
N SER C 165 -57.28 -34.11 -11.82
CA SER C 165 -56.50 -35.00 -10.96
C SER C 165 -55.05 -35.05 -11.44
N GLN C 166 -54.09 -34.86 -10.52
CA GLN C 166 -52.66 -34.87 -10.80
C GLN C 166 -52.01 -36.19 -10.35
N VAL C 167 -51.30 -36.84 -11.28
CA VAL C 167 -50.60 -38.11 -11.07
C VAL C 167 -49.13 -37.93 -11.58
N PRO C 168 -48.08 -38.41 -10.86
CA PRO C 168 -46.70 -38.20 -11.36
C PRO C 168 -46.45 -38.84 -12.72
N GLY C 169 -45.72 -38.12 -13.57
CA GLY C 169 -45.38 -38.55 -14.92
C GLY C 169 -44.33 -39.64 -14.94
N PHE C 170 -43.89 -40.05 -16.14
CA PHE C 170 -42.88 -41.10 -16.33
C PHE C 170 -41.51 -40.69 -15.77
N LEU C 171 -41.24 -39.37 -15.71
CA LEU C 171 -40.00 -38.81 -15.17
C LEU C 171 -40.26 -38.12 -13.83
N SER C 172 -39.33 -38.27 -12.87
CA SER C 172 -39.45 -37.67 -11.55
CA SER C 172 -39.43 -37.66 -11.54
C SER C 172 -39.44 -36.14 -11.67
N GLY C 173 -40.26 -35.49 -10.86
CA GLY C 173 -40.38 -34.03 -10.88
C GLY C 173 -41.39 -33.49 -11.86
N THR C 174 -41.90 -34.36 -12.77
CA THR C 174 -42.91 -34.00 -13.78
C THR C 174 -44.28 -34.51 -13.29
N VAL C 175 -45.37 -33.90 -13.81
CA VAL C 175 -46.74 -34.26 -13.41
C VAL C 175 -47.63 -34.41 -14.65
N THR C 176 -48.37 -35.52 -14.73
CA THR C 176 -49.36 -35.81 -15.77
C THR C 176 -50.69 -35.25 -15.25
N VAL C 177 -51.12 -34.11 -15.81
CA VAL C 177 -52.37 -33.45 -15.41
C VAL C 177 -53.50 -33.99 -16.27
N THR C 178 -54.51 -34.58 -15.62
CA THR C 178 -55.69 -35.16 -16.26
C THR C 178 -56.91 -34.33 -15.87
N SER C 179 -57.70 -33.91 -16.87
CA SER C 179 -58.89 -33.10 -16.64
C SER C 179 -60.10 -33.65 -17.40
N LEU C 180 -61.13 -34.03 -16.64
CA LEU C 180 -62.39 -34.56 -17.17
C LEU C 180 -63.46 -33.47 -17.16
N TRP C 181 -64.31 -33.47 -18.19
CA TRP C 181 -65.39 -32.48 -18.33
C TRP C 181 -66.73 -33.19 -18.06
N ILE C 182 -67.17 -33.12 -16.80
CA ILE C 182 -68.41 -33.76 -16.31
C ILE C 182 -69.63 -32.89 -16.67
N LEU C 183 -70.65 -33.54 -17.26
CA LEU C 183 -71.93 -32.95 -17.67
C LEU C 183 -73.00 -34.06 -17.78
N VAL C 184 -74.25 -33.74 -17.41
CA VAL C 184 -75.38 -34.67 -17.53
C VAL C 184 -75.69 -34.85 -19.04
N PRO C 185 -75.63 -36.09 -19.57
CA PRO C 185 -75.84 -36.29 -21.02
C PRO C 185 -77.26 -35.97 -21.49
N SER C 186 -77.37 -35.56 -22.76
CA SER C 186 -78.61 -35.21 -23.47
C SER C 186 -78.41 -35.31 -24.99
N SER C 187 -79.51 -35.41 -25.76
CA SER C 187 -79.47 -35.50 -27.22
C SER C 187 -79.03 -34.18 -27.87
N GLN C 188 -79.17 -33.04 -27.14
CA GLN C 188 -78.82 -31.70 -27.60
C GLN C 188 -77.31 -31.51 -27.76
N VAL C 189 -76.51 -32.03 -26.79
CA VAL C 189 -75.04 -31.90 -26.78
C VAL C 189 -74.36 -32.89 -27.76
N ASP C 190 -75.13 -33.86 -28.33
CA ASP C 190 -74.63 -34.84 -29.29
C ASP C 190 -74.22 -34.12 -30.59
N GLY C 191 -72.92 -34.14 -30.87
CA GLY C 191 -72.33 -33.48 -32.04
C GLY C 191 -71.69 -32.14 -31.74
N LYS C 192 -72.15 -31.47 -30.64
CA LYS C 192 -71.65 -30.17 -30.19
C LYS C 192 -70.21 -30.30 -29.67
N ASN C 193 -69.38 -29.27 -29.90
CA ASN C 193 -67.96 -29.29 -29.53
C ASN C 193 -67.64 -28.53 -28.22
N VAL C 194 -66.57 -28.98 -27.53
CA VAL C 194 -66.01 -28.40 -26.30
C VAL C 194 -64.50 -28.20 -26.48
N THR C 195 -64.01 -26.98 -26.23
CA THR C 195 -62.60 -26.63 -26.41
C THR C 195 -61.84 -26.71 -25.07
N CYS C 196 -60.65 -27.31 -25.11
CA CYS C 196 -59.75 -27.47 -23.98
C CYS C 196 -58.50 -26.60 -24.18
N LYS C 197 -58.19 -25.74 -23.20
CA LYS C 197 -57.01 -24.87 -23.27
C LYS C 197 -55.96 -25.32 -22.27
N VAL C 198 -54.73 -25.60 -22.75
CA VAL C 198 -53.61 -26.04 -21.91
C VAL C 198 -52.54 -24.93 -21.90
N GLU C 199 -52.20 -24.43 -20.70
CA GLU C 199 -51.21 -23.37 -20.50
C GLU C 199 -49.96 -23.89 -19.80
N HIS C 200 -48.78 -23.54 -20.35
CA HIS C 200 -47.47 -23.91 -19.81
C HIS C 200 -46.40 -22.91 -20.23
N GLU C 201 -45.38 -22.69 -19.37
CA GLU C 201 -44.26 -21.78 -19.55
C GLU C 201 -43.42 -22.12 -20.80
N SER C 202 -43.30 -23.41 -21.14
CA SER C 202 -42.51 -23.90 -22.28
C SER C 202 -43.21 -23.64 -23.65
N PHE C 203 -44.54 -23.44 -23.65
CA PHE C 203 -45.31 -23.20 -24.88
C PHE C 203 -45.16 -21.76 -25.38
N GLU C 204 -45.20 -21.57 -26.72
CA GLU C 204 -45.13 -20.26 -27.38
C GLU C 204 -46.40 -19.45 -27.10
N LYS C 205 -47.55 -20.16 -27.03
CA LYS C 205 -48.89 -19.66 -26.72
C LYS C 205 -49.75 -20.85 -26.22
N PRO C 206 -50.87 -20.64 -25.47
CA PRO C 206 -51.66 -21.81 -24.99
C PRO C 206 -52.22 -22.67 -26.12
N GLN C 207 -52.15 -24.00 -25.97
CA GLN C 207 -52.63 -24.97 -26.96
C GLN C 207 -54.12 -25.24 -26.78
N LEU C 208 -54.89 -25.10 -27.87
CA LEU C 208 -56.34 -25.31 -27.88
C LEU C 208 -56.67 -26.65 -28.56
N LEU C 209 -57.47 -27.49 -27.87
CA LEU C 209 -57.88 -28.81 -28.34
C LEU C 209 -59.40 -28.93 -28.33
N THR C 210 -60.02 -28.99 -29.53
CA THR C 210 -61.48 -29.08 -29.67
C THR C 210 -61.88 -30.56 -29.73
N VAL C 211 -62.95 -30.92 -28.99
CA VAL C 211 -63.47 -32.30 -28.89
C VAL C 211 -64.99 -32.29 -29.16
N ASN C 212 -65.45 -33.16 -30.09
CA ASN C 212 -66.86 -33.35 -30.43
C ASN C 212 -67.48 -34.37 -29.48
N LEU C 213 -68.59 -34.01 -28.82
CA LEU C 213 -69.27 -34.86 -27.83
C LEU C 213 -70.06 -35.99 -28.48
N THR C 214 -70.05 -37.17 -27.85
CA THR C 214 -70.77 -38.37 -28.32
C THR C 214 -71.66 -38.92 -27.19
N VAL C 215 -72.98 -38.96 -27.46
CA VAL C 215 -74.02 -39.44 -26.54
C VAL C 215 -74.77 -40.60 -27.20
N TYR C 216 -74.99 -41.70 -26.45
CA TYR C 216 -75.77 -42.84 -26.92
C TYR C 216 -77.16 -42.75 -26.28
N TYR C 217 -78.18 -42.44 -27.08
CA TYR C 217 -79.54 -42.24 -26.57
C TYR C 217 -80.63 -43.03 -27.33
N PRO C 218 -81.74 -43.43 -26.64
CA PRO C 218 -82.82 -44.16 -27.33
C PRO C 218 -83.58 -43.27 -28.35
N PRO C 219 -84.52 -43.81 -29.18
CA PRO C 219 -85.17 -42.96 -30.18
C PRO C 219 -86.07 -41.83 -29.65
N GLU C 220 -86.03 -40.69 -30.36
CA GLU C 220 -86.85 -39.50 -30.11
C GLU C 220 -87.90 -39.48 -31.22
N VAL C 221 -88.93 -40.32 -31.03
CA VAL C 221 -90.02 -40.59 -31.97
C VAL C 221 -90.88 -39.35 -32.26
N SER C 222 -91.16 -39.13 -33.56
CA SER C 222 -91.99 -38.05 -34.10
C SER C 222 -92.75 -38.53 -35.35
N ILE C 223 -94.03 -38.17 -35.45
CA ILE C 223 -94.90 -38.56 -36.57
C ILE C 223 -95.31 -37.31 -37.36
N SER C 224 -95.18 -37.35 -38.70
CA SER C 224 -95.54 -36.27 -39.61
C SER C 224 -96.62 -36.69 -40.60
N GLY C 225 -97.49 -35.74 -40.95
CA GLY C 225 -98.60 -35.95 -41.89
C GLY C 225 -99.96 -35.55 -41.36
N TYR C 226 -100.00 -34.93 -40.15
CA TYR C 226 -101.18 -34.44 -39.43
C TYR C 226 -102.25 -35.53 -39.25
N ASN C 235 -110.35 -38.89 -48.72
CA ASN C 235 -110.03 -38.77 -47.30
C ASN C 235 -108.78 -39.61 -46.92
N GLU C 236 -108.17 -40.28 -47.92
CA GLU C 236 -106.99 -41.13 -47.76
C GLU C 236 -105.73 -40.28 -47.47
N ALA C 237 -104.90 -40.74 -46.51
CA ALA C 237 -103.67 -40.08 -46.08
C ALA C 237 -102.57 -41.10 -45.70
N THR C 238 -101.30 -40.63 -45.60
CA THR C 238 -100.15 -41.46 -45.24
C THR C 238 -99.30 -40.76 -44.16
N LEU C 239 -98.96 -41.49 -43.08
CA LEU C 239 -98.14 -41.00 -41.97
C LEU C 239 -96.78 -41.68 -41.95
N THR C 240 -95.72 -40.90 -41.71
CA THR C 240 -94.34 -41.39 -41.64
C THR C 240 -93.79 -41.24 -40.22
N CYS C 241 -93.05 -42.26 -39.76
CA CYS C 241 -92.47 -42.29 -38.42
C CYS C 241 -90.96 -42.03 -38.51
N ASP C 242 -90.51 -40.89 -37.95
CA ASP C 242 -89.10 -40.51 -37.95
C ASP C 242 -88.62 -40.34 -36.50
N ALA C 243 -87.47 -40.93 -36.19
CA ALA C 243 -86.89 -40.88 -34.85
C ALA C 243 -85.39 -40.66 -34.90
N ARG C 244 -84.86 -39.87 -33.94
CA ARG C 244 -83.43 -39.59 -33.84
C ARG C 244 -82.85 -40.35 -32.65
N SER C 245 -81.79 -41.15 -32.90
CA SER C 245 -81.09 -41.94 -31.89
C SER C 245 -79.64 -42.19 -32.28
N ASN C 246 -78.81 -42.62 -31.31
CA ASN C 246 -77.40 -42.93 -31.52
C ASN C 246 -77.07 -44.26 -30.82
N PRO C 247 -76.86 -45.38 -31.55
CA PRO C 247 -76.87 -45.53 -33.02
C PRO C 247 -78.26 -45.34 -33.62
N GLU C 248 -78.34 -45.07 -34.93
CA GLU C 248 -79.57 -44.83 -35.69
C GLU C 248 -80.58 -46.02 -35.54
N PRO C 249 -81.91 -45.76 -35.61
CA PRO C 249 -82.89 -46.85 -35.37
C PRO C 249 -82.71 -48.08 -36.26
N THR C 250 -82.87 -49.26 -35.65
CA THR C 250 -82.75 -50.57 -36.31
C THR C 250 -84.11 -51.09 -36.80
N GLY C 251 -85.18 -50.72 -36.09
CA GLY C 251 -86.54 -51.14 -36.43
C GLY C 251 -87.63 -50.18 -36.01
N TYR C 252 -88.68 -50.08 -36.86
CA TYR C 252 -89.87 -49.26 -36.67
C TYR C 252 -91.12 -50.16 -36.67
N ASN C 253 -92.12 -49.84 -35.84
CA ASN C 253 -93.35 -50.64 -35.73
C ASN C 253 -94.56 -49.77 -35.42
N TRP C 254 -95.68 -50.04 -36.10
CA TRP C 254 -96.95 -49.35 -35.89
C TRP C 254 -97.96 -50.28 -35.22
N SER C 255 -98.76 -49.72 -34.30
CA SER C 255 -99.79 -50.45 -33.54
C SER C 255 -100.85 -49.46 -33.01
N THR C 256 -101.81 -49.96 -32.22
CA THR C 256 -102.86 -49.13 -31.60
C THR C 256 -102.86 -49.39 -30.08
N THR C 257 -103.61 -48.57 -29.31
CA THR C 257 -103.71 -48.67 -27.85
C THR C 257 -104.36 -50.00 -27.42
N MET C 258 -105.34 -50.50 -28.20
CA MET C 258 -106.05 -51.76 -27.95
C MET C 258 -105.13 -52.97 -28.19
N GLY C 259 -104.46 -52.98 -29.35
CA GLY C 259 -103.54 -54.04 -29.75
C GLY C 259 -103.10 -53.95 -31.20
N PRO C 260 -103.47 -54.92 -32.07
CA PRO C 260 -103.05 -54.83 -33.49
C PRO C 260 -103.79 -53.74 -34.27
N LEU C 261 -103.18 -53.30 -35.39
CA LEU C 261 -103.69 -52.24 -36.28
C LEU C 261 -105.13 -52.50 -36.77
N PRO C 262 -105.99 -51.44 -36.87
CA PRO C 262 -107.37 -51.63 -37.35
C PRO C 262 -107.46 -52.11 -38.81
N PRO C 263 -108.64 -52.57 -39.31
CA PRO C 263 -108.71 -53.09 -40.70
C PRO C 263 -108.38 -52.09 -41.81
N PHE C 264 -108.49 -50.77 -41.55
CA PHE C 264 -108.21 -49.74 -42.55
C PHE C 264 -106.72 -49.33 -42.59
N ALA C 265 -106.00 -49.41 -41.45
CA ALA C 265 -104.59 -49.04 -41.35
C ALA C 265 -103.66 -50.19 -41.76
N VAL C 266 -102.74 -49.90 -42.71
CA VAL C 266 -101.73 -50.85 -43.22
C VAL C 266 -100.36 -50.19 -43.08
N ALA C 267 -99.42 -50.85 -42.39
CA ALA C 267 -98.07 -50.31 -42.16
C ALA C 267 -96.95 -51.31 -42.47
N GLN C 268 -95.75 -50.77 -42.75
CA GLN C 268 -94.52 -51.50 -43.03
C GLN C 268 -93.34 -50.66 -42.55
N GLY C 269 -92.94 -50.90 -41.31
CA GLY C 269 -91.84 -50.18 -40.68
C GLY C 269 -92.25 -48.79 -40.23
N ALA C 270 -91.67 -47.76 -40.88
CA ALA C 270 -91.90 -46.35 -40.55
C ALA C 270 -93.13 -45.75 -41.24
N GLN C 271 -93.46 -46.23 -42.45
CA GLN C 271 -94.58 -45.71 -43.25
C GLN C 271 -95.89 -46.43 -42.92
N LEU C 272 -96.95 -45.65 -42.67
CA LEU C 272 -98.30 -46.11 -42.34
C LEU C 272 -99.34 -45.48 -43.27
N LEU C 273 -100.19 -46.31 -43.90
CA LEU C 273 -101.26 -45.89 -44.80
C LEU C 273 -102.62 -46.07 -44.11
N ILE C 274 -103.45 -45.02 -44.15
CA ILE C 274 -104.80 -45.01 -43.57
C ILE C 274 -105.82 -44.87 -44.71
N ARG C 275 -106.79 -45.79 -44.77
CA ARG C 275 -107.86 -45.80 -45.77
C ARG C 275 -109.17 -45.26 -45.17
N PRO C 276 -110.01 -44.53 -45.94
CA PRO C 276 -111.26 -44.01 -45.36
C PRO C 276 -112.32 -45.10 -45.17
N THR C 284 -106.15 -44.94 -31.02
CA THR C 284 -104.98 -44.07 -31.01
C THR C 284 -103.75 -44.86 -31.47
N LEU C 285 -103.11 -44.38 -32.56
CA LEU C 285 -101.92 -45.00 -33.17
C LEU C 285 -100.66 -44.82 -32.31
N ILE C 286 -99.86 -45.89 -32.20
CA ILE C 286 -98.62 -45.95 -31.44
C ILE C 286 -97.46 -46.35 -32.37
N CYS C 287 -96.33 -45.62 -32.33
CA CYS C 287 -95.17 -45.94 -33.14
C CYS C 287 -93.99 -46.35 -32.25
N ASN C 288 -93.68 -47.66 -32.22
CA ASN C 288 -92.60 -48.26 -31.44
C ASN C 288 -91.32 -48.32 -32.28
N VAL C 289 -90.32 -47.51 -31.92
CA VAL C 289 -89.03 -47.43 -32.61
C VAL C 289 -87.96 -48.04 -31.70
N THR C 290 -87.12 -48.95 -32.25
CA THR C 290 -86.09 -49.65 -31.48
C THR C 290 -84.69 -49.44 -32.06
N ASN C 291 -83.69 -49.37 -31.16
CA ASN C 291 -82.26 -49.24 -31.46
C ASN C 291 -81.46 -50.08 -30.43
N ALA C 292 -80.11 -49.98 -30.44
CA ALA C 292 -79.22 -50.70 -29.52
C ALA C 292 -79.46 -50.37 -28.04
N LEU C 293 -79.85 -49.10 -27.73
CA LEU C 293 -80.11 -48.63 -26.37
C LEU C 293 -81.45 -49.17 -25.81
N GLY C 294 -82.49 -49.16 -26.63
CA GLY C 294 -83.82 -49.65 -26.26
C GLY C 294 -84.93 -49.29 -27.22
N ALA C 295 -86.19 -49.36 -26.74
CA ALA C 295 -87.38 -49.05 -27.53
C ALA C 295 -88.21 -47.92 -26.90
N ARG C 296 -88.66 -46.97 -27.74
CA ARG C 296 -89.48 -45.81 -27.33
C ARG C 296 -90.74 -45.71 -28.19
N GLN C 297 -91.85 -45.23 -27.59
CA GLN C 297 -93.14 -45.10 -28.26
C GLN C 297 -93.65 -43.66 -28.32
N ALA C 298 -94.57 -43.38 -29.26
CA ALA C 298 -95.22 -42.08 -29.44
C ALA C 298 -96.72 -42.28 -29.69
N GLU C 299 -97.55 -41.88 -28.72
CA GLU C 299 -99.01 -41.98 -28.77
C GLU C 299 -99.59 -40.84 -29.61
N LEU C 300 -100.54 -41.17 -30.50
CA LEU C 300 -101.21 -40.19 -31.38
C LEU C 300 -102.68 -40.57 -31.57
N THR C 301 -103.60 -39.73 -31.07
CA THR C 301 -105.05 -39.94 -31.18
C THR C 301 -105.54 -39.53 -32.57
N VAL C 302 -106.19 -40.46 -33.28
CA VAL C 302 -106.72 -40.25 -34.63
C VAL C 302 -108.20 -40.63 -34.68
N ASP D 3 22.62 -4.29 6.82
CA ASP D 3 23.91 -4.96 6.72
C ASP D 3 24.79 -4.33 5.63
N VAL D 4 24.15 -3.69 4.61
CA VAL D 4 24.83 -3.02 3.49
C VAL D 4 25.51 -1.74 4.00
N VAL D 5 26.78 -1.53 3.59
CA VAL D 5 27.57 -0.36 4.00
C VAL D 5 28.12 0.37 2.77
N VAL D 6 28.18 1.71 2.88
CA VAL D 6 28.71 2.58 1.82
C VAL D 6 30.20 2.78 2.08
N GLN D 7 31.03 2.36 1.12
CA GLN D 7 32.49 2.47 1.25
C GLN D 7 33.02 3.62 0.40
N ALA D 8 33.66 4.59 1.08
CA ALA D 8 34.25 5.79 0.49
C ALA D 8 35.38 6.34 1.36
N PRO D 9 36.46 6.93 0.78
CA PRO D 9 37.54 7.48 1.64
C PRO D 9 37.06 8.69 2.44
N THR D 10 37.67 8.92 3.61
CA THR D 10 37.32 10.02 4.51
C THR D 10 37.70 11.39 3.91
N GLN D 11 38.90 11.47 3.29
CA GLN D 11 39.43 12.70 2.68
C GLN D 11 39.84 12.47 1.24
N VAL D 12 39.54 13.44 0.36
CA VAL D 12 39.89 13.39 -1.06
C VAL D 12 40.64 14.70 -1.41
N PRO D 13 41.96 14.62 -1.71
CA PRO D 13 42.69 15.85 -2.06
C PRO D 13 42.63 16.18 -3.56
N GLY D 14 42.36 17.44 -3.86
CA GLY D 14 42.28 17.96 -5.22
C GLY D 14 43.11 19.22 -5.39
N PHE D 15 43.24 19.72 -6.64
CA PHE D 15 44.01 20.93 -6.92
C PHE D 15 43.17 21.99 -7.61
N LEU D 16 43.47 23.28 -7.36
CA LEU D 16 42.77 24.44 -7.94
C LEU D 16 42.83 24.40 -9.48
N GLY D 17 41.66 24.53 -10.10
CA GLY D 17 41.51 24.51 -11.55
C GLY D 17 41.57 23.11 -12.17
N ASP D 18 42.06 22.13 -11.39
CA ASP D 18 42.19 20.72 -11.79
C ASP D 18 40.89 19.96 -11.45
N SER D 19 40.76 18.74 -12.00
CA SER D 19 39.60 17.88 -11.76
C SER D 19 39.92 16.78 -10.75
N VAL D 20 38.90 16.34 -9.98
CA VAL D 20 39.05 15.29 -8.98
C VAL D 20 37.80 14.38 -8.97
N THR D 21 37.99 13.08 -8.68
CA THR D 21 36.92 12.09 -8.58
C THR D 21 36.71 11.77 -7.11
N LEU D 22 35.45 11.82 -6.66
CA LEU D 22 35.04 11.50 -5.30
C LEU D 22 34.55 10.06 -5.27
N PRO D 23 35.40 9.07 -4.85
CA PRO D 23 34.96 7.67 -4.90
C PRO D 23 33.94 7.35 -3.82
N CYS D 24 32.88 6.63 -4.21
CA CYS D 24 31.77 6.21 -3.36
C CYS D 24 31.07 5.04 -4.02
N TYR D 25 31.05 3.88 -3.33
CA TYR D 25 30.38 2.68 -3.84
C TYR D 25 29.67 1.95 -2.70
N LEU D 26 28.60 1.21 -3.04
CA LEU D 26 27.80 0.45 -2.08
C LEU D 26 28.26 -1.01 -2.02
N GLN D 27 28.77 -1.43 -0.86
CA GLN D 27 29.22 -2.80 -0.61
C GLN D 27 28.00 -3.64 -0.22
N VAL D 28 27.66 -4.63 -1.06
CA VAL D 28 26.50 -5.51 -0.84
C VAL D 28 27.01 -6.94 -0.59
N PRO D 29 26.67 -7.58 0.57
CA PRO D 29 27.10 -8.97 0.80
C PRO D 29 26.42 -9.93 -0.19
N ASN D 30 27.12 -11.01 -0.57
CA ASN D 30 26.68 -12.03 -1.53
C ASN D 30 25.34 -12.69 -1.13
N MET D 31 25.01 -12.67 0.17
CA MET D 31 23.79 -13.23 0.76
C MET D 31 22.55 -12.33 0.59
N GLU D 32 22.71 -11.00 0.72
CA GLU D 32 21.61 -10.04 0.65
C GLU D 32 21.31 -9.55 -0.76
N VAL D 33 20.03 -9.25 -1.02
CA VAL D 33 19.48 -8.72 -2.27
C VAL D 33 19.05 -7.26 -2.01
N THR D 34 19.42 -6.34 -2.92
CA THR D 34 19.14 -4.92 -2.80
C THR D 34 18.61 -4.32 -4.11
N HIS D 35 17.92 -3.16 -4.00
CA HIS D 35 17.41 -2.43 -5.17
CA HIS D 35 17.38 -2.42 -5.15
C HIS D 35 17.73 -0.94 -5.00
N VAL D 36 18.71 -0.46 -5.78
CA VAL D 36 19.12 0.94 -5.73
C VAL D 36 18.37 1.64 -6.86
N SER D 37 17.47 2.55 -6.47
CA SER D 37 16.61 3.32 -7.38
C SER D 37 17.12 4.73 -7.63
N GLN D 38 17.98 5.25 -6.72
CA GLN D 38 18.52 6.60 -6.85
C GLN D 38 19.87 6.79 -6.16
N LEU D 39 20.67 7.73 -6.70
CA LEU D 39 21.96 8.18 -6.19
C LEU D 39 21.86 9.66 -5.93
N THR D 40 22.37 10.15 -4.78
CA THR D 40 22.31 11.57 -4.46
C THR D 40 23.64 12.05 -3.86
N TRP D 41 24.03 13.28 -4.24
CA TRP D 41 25.20 14.01 -3.79
C TRP D 41 24.76 15.38 -3.31
N ALA D 42 25.14 15.77 -2.09
CA ALA D 42 24.78 17.07 -1.53
C ALA D 42 25.83 17.60 -0.56
N ARG D 43 25.92 18.93 -0.45
CA ARG D 43 26.83 19.63 0.45
C ARG D 43 26.29 19.62 1.89
N HIS D 44 27.11 20.04 2.86
CA HIS D 44 26.72 20.12 4.26
C HIS D 44 26.33 21.58 4.62
N GLY D 45 25.18 21.78 5.28
CA GLY D 45 24.25 20.73 5.71
C GLY D 45 23.11 20.51 4.73
N GLY D 48 18.86 20.88 -0.57
CA GLY D 48 19.42 21.20 -1.88
C GLY D 48 20.46 20.20 -2.34
N SER D 49 20.11 19.37 -3.35
CA SER D 49 21.00 18.35 -3.90
C SER D 49 21.84 18.88 -5.06
N MET D 50 23.09 18.44 -5.10
CA MET D 50 24.13 18.81 -6.07
C MET D 50 24.06 17.93 -7.33
N ALA D 51 24.00 16.59 -7.16
CA ALA D 51 23.94 15.61 -8.25
C ALA D 51 22.97 14.47 -7.89
N VAL D 52 22.08 14.10 -8.83
CA VAL D 52 21.07 13.05 -8.64
C VAL D 52 21.07 12.11 -9.86
N PHE D 53 21.06 10.78 -9.63
CA PHE D 53 20.99 9.77 -10.68
C PHE D 53 19.83 8.82 -10.39
N HIS D 54 18.78 8.86 -11.22
CA HIS D 54 17.61 7.99 -11.07
C HIS D 54 17.75 6.72 -11.93
N GLN D 55 17.12 5.62 -11.49
CA GLN D 55 17.14 4.30 -12.13
C GLN D 55 16.51 4.28 -13.54
N THR D 56 15.62 5.25 -13.86
CA THR D 56 14.95 5.30 -15.17
C THR D 56 15.17 6.66 -15.85
N GLN D 57 15.26 7.74 -15.07
CA GLN D 57 15.40 9.12 -15.58
C GLN D 57 16.86 9.53 -15.86
N GLY D 58 17.82 8.78 -15.32
CA GLY D 58 19.24 9.04 -15.52
C GLY D 58 19.83 10.16 -14.67
N PRO D 59 20.90 10.83 -15.15
CA PRO D 59 21.54 11.87 -14.32
C PRO D 59 20.92 13.27 -14.43
N SER D 60 21.10 14.06 -13.36
CA SER D 60 20.67 15.45 -13.20
C SER D 60 21.66 16.18 -12.30
N TYR D 61 22.19 17.31 -12.78
CA TYR D 61 23.18 18.10 -12.05
C TYR D 61 22.72 19.55 -11.86
N SER D 62 23.09 20.15 -10.71
CA SER D 62 22.77 21.54 -10.39
C SER D 62 23.66 22.49 -11.19
N GLU D 63 24.91 22.06 -11.49
CA GLU D 63 25.89 22.82 -12.25
C GLU D 63 26.13 22.19 -13.62
N SER D 64 26.17 23.05 -14.68
CA SER D 64 26.39 22.63 -16.06
C SER D 64 27.89 22.51 -16.38
N LYS D 65 28.28 21.35 -16.96
CA LYS D 65 29.64 20.98 -17.39
C LYS D 65 30.69 21.05 -16.24
N ARG D 66 30.26 20.76 -15.00
CA ARG D 66 31.12 20.77 -13.82
C ARG D 66 31.11 19.43 -13.07
N LEU D 67 29.97 18.71 -13.08
CA LEU D 67 29.83 17.42 -12.40
C LEU D 67 29.50 16.31 -13.42
N GLU D 68 29.94 15.07 -13.13
CA GLU D 68 29.73 13.90 -13.99
C GLU D 68 29.81 12.59 -13.20
N PHE D 69 28.83 11.68 -13.42
CA PHE D 69 28.84 10.35 -12.80
C PHE D 69 29.77 9.47 -13.66
N VAL D 70 30.92 9.11 -13.08
CA VAL D 70 32.00 8.37 -13.74
C VAL D 70 31.65 6.89 -14.01
N ALA D 71 30.72 6.29 -13.22
CA ALA D 71 30.42 4.87 -13.39
C ALA D 71 28.93 4.52 -13.57
N ALA D 72 28.01 5.27 -12.95
CA ALA D 72 26.56 5.03 -13.03
C ALA D 72 26.02 5.13 -14.46
N ARG D 73 25.31 4.08 -14.92
CA ARG D 73 24.71 3.98 -16.25
C ARG D 73 23.33 3.33 -16.18
N LEU D 74 22.40 3.77 -17.06
CA LEU D 74 21.03 3.24 -17.13
C LEU D 74 21.04 1.82 -17.69
N GLY D 75 20.29 0.92 -17.04
CA GLY D 75 20.22 -0.49 -17.41
C GLY D 75 21.28 -1.33 -16.74
N ALA D 76 22.05 -0.71 -15.83
CA ALA D 76 23.12 -1.33 -15.05
C ALA D 76 22.86 -1.09 -13.56
N GLU D 77 23.26 -2.05 -12.71
CA GLU D 77 23.09 -1.98 -11.25
C GLU D 77 23.80 -0.76 -10.68
N LEU D 78 23.05 0.11 -9.96
CA LEU D 78 23.63 1.32 -9.36
C LEU D 78 24.39 0.93 -8.10
N ARG D 79 25.73 0.84 -8.22
CA ARG D 79 26.61 0.47 -7.10
C ARG D 79 27.71 1.50 -6.89
N ASN D 80 28.23 2.11 -7.99
CA ASN D 80 29.27 3.14 -7.96
C ASN D 80 28.63 4.50 -8.19
N ALA D 81 28.64 5.36 -7.15
CA ALA D 81 28.10 6.71 -7.24
C ALA D 81 29.22 7.75 -7.45
N SER D 82 30.45 7.27 -7.75
CA SER D 82 31.66 8.07 -8.01
C SER D 82 31.35 9.24 -8.92
N LEU D 83 31.66 10.46 -8.44
CA LEU D 83 31.40 11.70 -9.14
C LEU D 83 32.68 12.48 -9.40
N ARG D 84 32.85 12.97 -10.63
CA ARG D 84 34.00 13.76 -11.05
C ARG D 84 33.63 15.25 -11.08
N MET D 85 34.39 16.06 -10.33
CA MET D 85 34.22 17.52 -10.25
C MET D 85 35.31 18.19 -11.07
N PHE D 86 34.92 18.91 -12.13
CA PHE D 86 35.84 19.59 -13.06
C PHE D 86 36.13 21.03 -12.65
N GLY D 87 37.39 21.45 -12.81
CA GLY D 87 37.87 22.78 -12.50
C GLY D 87 37.57 23.25 -11.09
N LEU D 88 38.24 22.63 -10.09
CA LEU D 88 38.06 22.90 -8.66
C LEU D 88 38.33 24.35 -8.27
N ARG D 89 37.51 24.85 -7.34
CA ARG D 89 37.59 26.20 -6.77
C ARG D 89 37.70 26.07 -5.25
N VAL D 90 38.18 27.14 -4.57
CA VAL D 90 38.35 27.19 -3.11
C VAL D 90 36.96 27.05 -2.41
N GLU D 91 35.89 27.53 -3.09
CA GLU D 91 34.50 27.46 -2.62
C GLU D 91 33.97 26.03 -2.60
N ASP D 92 34.58 25.12 -3.38
CA ASP D 92 34.20 23.70 -3.47
C ASP D 92 34.71 22.87 -2.27
N GLU D 93 35.69 23.39 -1.50
CA GLU D 93 36.23 22.71 -0.32
C GLU D 93 35.13 22.57 0.73
N GLY D 94 34.84 21.34 1.12
CA GLY D 94 33.81 21.03 2.11
C GLY D 94 33.44 19.57 2.21
N ASN D 95 32.51 19.26 3.12
CA ASN D 95 32.02 17.90 3.36
C ASN D 95 30.80 17.61 2.49
N TYR D 96 30.89 16.50 1.72
CA TYR D 96 29.87 16.04 0.78
C TYR D 96 29.26 14.72 1.21
N THR D 97 27.92 14.62 1.15
CA THR D 97 27.20 13.40 1.50
C THR D 97 26.86 12.61 0.24
N CYS D 98 27.29 11.34 0.20
CA CYS D 98 27.01 10.41 -0.89
C CYS D 98 25.93 9.45 -0.39
N LEU D 99 24.72 9.56 -0.98
CA LEU D 99 23.56 8.77 -0.56
C LEU D 99 23.14 7.72 -1.59
N PHE D 100 22.67 6.57 -1.09
CA PHE D 100 22.15 5.43 -1.86
C PHE D 100 20.73 5.13 -1.41
N VAL D 101 19.74 5.31 -2.31
CA VAL D 101 18.33 5.01 -2.01
C VAL D 101 18.10 3.52 -2.31
N THR D 102 18.19 2.68 -1.27
CA THR D 102 18.08 1.22 -1.35
C THR D 102 16.72 0.72 -0.82
N PHE D 103 16.22 -0.41 -1.38
CA PHE D 103 15.01 -1.09 -0.96
C PHE D 103 15.27 -2.60 -0.77
N PRO D 104 14.83 -3.22 0.36
CA PRO D 104 14.11 -2.65 1.50
C PRO D 104 15.04 -2.22 2.66
N GLN D 105 16.35 -2.07 2.41
CA GLN D 105 17.34 -1.69 3.43
C GLN D 105 17.30 -0.19 3.78
N GLY D 106 16.59 0.60 3.00
CA GLY D 106 16.45 2.05 3.23
C GLY D 106 17.65 2.83 2.74
N SER D 107 17.68 4.14 3.05
CA SER D 107 18.77 5.04 2.65
C SER D 107 20.06 4.78 3.43
N ARG D 108 21.17 4.68 2.70
CA ARG D 108 22.51 4.46 3.23
C ARG D 108 23.43 5.56 2.70
N SER D 109 24.03 6.37 3.59
CA SER D 109 24.90 7.47 3.19
C SER D 109 26.25 7.48 3.92
N VAL D 110 27.22 8.21 3.34
CA VAL D 110 28.57 8.40 3.87
C VAL D 110 29.01 9.85 3.59
N ASP D 111 29.95 10.39 4.40
CA ASP D 111 30.44 11.75 4.24
C ASP D 111 31.91 11.77 3.83
N ILE D 112 32.21 12.48 2.73
CA ILE D 112 33.56 12.63 2.17
C ILE D 112 33.98 14.11 2.26
N TRP D 113 35.14 14.38 2.89
CA TRP D 113 35.69 15.73 3.01
C TRP D 113 36.58 16.03 1.81
N LEU D 114 36.11 16.91 0.92
CA LEU D 114 36.87 17.32 -0.26
C LEU D 114 37.81 18.47 0.13
N ARG D 115 39.11 18.29 -0.10
CA ARG D 115 40.12 19.29 0.23
C ARG D 115 40.75 19.85 -1.05
N VAL D 116 40.69 21.18 -1.21
CA VAL D 116 41.26 21.89 -2.37
C VAL D 116 42.67 22.36 -1.98
N LEU D 117 43.68 21.99 -2.80
CA LEU D 117 45.07 22.33 -2.56
C LEU D 117 45.65 23.22 -3.67
N ALA D 118 46.77 23.88 -3.38
CA ALA D 118 47.51 24.75 -4.30
C ALA D 118 49.01 24.64 -3.98
N LYS D 119 49.82 24.28 -5.00
CA LYS D 119 51.27 24.12 -4.87
C LYS D 119 51.93 25.50 -4.72
N PRO D 120 52.66 25.77 -3.61
CA PRO D 120 53.28 27.10 -3.47
C PRO D 120 54.61 27.23 -4.20
N GLN D 121 54.97 28.47 -4.57
CA GLN D 121 56.22 28.81 -5.26
C GLN D 121 57.19 29.37 -4.22
N ASN D 122 58.35 28.73 -4.06
CA ASN D 122 59.32 29.13 -3.04
C ASN D 122 60.52 29.87 -3.59
N THR D 123 60.88 30.97 -2.91
CA THR D 123 62.04 31.82 -3.20
C THR D 123 62.70 32.22 -1.88
N ALA D 124 64.00 32.54 -1.92
CA ALA D 124 64.78 32.96 -0.77
C ALA D 124 65.88 33.93 -1.19
N GLU D 125 66.12 34.97 -0.38
CA GLU D 125 67.14 35.98 -0.66
C GLU D 125 67.76 36.50 0.62
N VAL D 126 68.97 37.07 0.50
CA VAL D 126 69.71 37.67 1.60
C VAL D 126 69.18 39.09 1.86
N GLN D 127 69.45 39.62 3.07
CA GLN D 127 69.12 40.98 3.49
C GLN D 127 70.42 41.61 3.95
N LYS D 128 71.08 42.39 3.05
CA LYS D 128 72.37 43.05 3.33
C LYS D 128 72.25 43.96 4.53
N VAL D 129 73.05 43.68 5.57
CA VAL D 129 73.02 44.42 6.84
C VAL D 129 74.40 45.00 7.19
N GLN D 130 74.43 45.82 8.25
CA GLN D 130 75.61 46.45 8.87
C GLN D 130 75.57 46.14 10.37
N LEU D 131 76.64 46.49 11.11
CA LEU D 131 76.73 46.23 12.55
C LEU D 131 75.84 47.20 13.33
N THR D 132 74.52 46.90 13.33
CA THR D 132 73.46 47.72 13.95
C THR D 132 73.42 47.59 15.48
N GLY D 133 73.83 46.45 16.02
CA GLY D 133 73.82 46.17 17.45
C GLY D 133 72.46 45.75 17.99
N GLU D 134 71.46 45.67 17.09
CA GLU D 134 70.08 45.28 17.40
C GLU D 134 69.65 44.11 16.49
N PRO D 135 68.69 43.24 16.91
CA PRO D 135 68.28 42.13 16.03
C PRO D 135 67.48 42.63 14.82
N VAL D 136 67.95 42.30 13.61
CA VAL D 136 67.34 42.72 12.33
C VAL D 136 67.25 41.54 11.34
N PRO D 137 66.30 41.55 10.35
CA PRO D 137 66.24 40.44 9.38
C PRO D 137 67.49 40.38 8.51
N MET D 138 68.09 39.19 8.40
CA MET D 138 69.34 38.97 7.66
C MET D 138 69.17 38.01 6.49
N ALA D 139 68.02 37.35 6.40
CA ALA D 139 67.62 36.42 5.34
C ALA D 139 66.10 36.43 5.22
N ARG D 140 65.60 36.14 4.01
CA ARG D 140 64.17 36.12 3.72
C ARG D 140 63.79 34.84 2.99
N CYS D 141 62.70 34.18 3.41
CA CYS D 141 62.18 32.96 2.77
C CYS D 141 60.69 33.11 2.55
N VAL D 142 60.26 33.05 1.28
CA VAL D 142 58.86 33.26 0.89
C VAL D 142 58.32 32.00 0.20
N SER D 143 57.04 31.66 0.50
CA SER D 143 56.29 30.55 -0.09
C SER D 143 54.93 31.11 -0.53
N THR D 144 54.82 31.54 -1.80
CA THR D 144 53.64 32.20 -2.37
C THR D 144 52.56 31.25 -2.93
N GLY D 145 51.30 31.65 -2.71
CA GLY D 145 50.10 30.98 -3.21
C GLY D 145 49.91 29.52 -2.89
N GLY D 146 49.98 29.18 -1.60
CA GLY D 146 49.82 27.83 -1.11
C GLY D 146 48.60 27.62 -0.25
N ARG D 147 47.84 26.55 -0.52
CA ARG D 147 46.65 26.14 0.23
C ARG D 147 46.79 24.65 0.61
N PRO D 148 46.97 24.30 1.90
CA PRO D 148 47.02 25.16 3.10
C PRO D 148 48.35 25.94 3.19
N PRO D 149 48.56 26.88 4.16
CA PRO D 149 49.85 27.58 4.23
C PRO D 149 51.01 26.60 4.45
N ALA D 150 52.13 26.81 3.74
CA ALA D 150 53.33 25.98 3.83
C ALA D 150 54.05 26.17 5.17
N GLN D 151 54.84 25.16 5.58
CA GLN D 151 55.61 25.21 6.82
C GLN D 151 57.06 25.59 6.52
N ILE D 152 57.53 26.72 7.06
CA ILE D 152 58.89 27.22 6.84
C ILE D 152 59.70 27.13 8.14
N THR D 153 60.83 26.40 8.10
CA THR D 153 61.75 26.23 9.24
C THR D 153 63.18 26.53 8.80
N TRP D 154 63.96 27.16 9.68
CA TRP D 154 65.34 27.53 9.40
C TRP D 154 66.32 26.60 10.11
N HIS D 155 67.45 26.31 9.44
CA HIS D 155 68.53 25.48 10.00
C HIS D 155 69.84 26.27 9.93
N SER D 156 70.43 26.55 11.10
CA SER D 156 71.69 27.29 11.23
C SER D 156 72.40 26.95 12.54
N ASP D 157 73.73 27.00 12.51
CA ASP D 157 74.60 26.77 13.68
C ASP D 157 74.95 28.12 14.32
N LEU D 158 74.54 29.22 13.65
CA LEU D 158 74.80 30.62 14.04
C LEU D 158 73.79 31.13 15.08
N GLY D 159 72.66 30.45 15.21
CA GLY D 159 71.60 30.82 16.13
C GLY D 159 70.44 31.49 15.43
N GLY D 160 70.08 32.68 15.91
CA GLY D 160 68.99 33.47 15.36
C GLY D 160 67.59 32.99 15.68
N MET D 161 66.63 33.91 15.60
CA MET D 161 65.21 33.64 15.86
C MET D 161 64.38 34.04 14.63
N PRO D 162 63.55 33.14 14.07
CA PRO D 162 62.77 33.52 12.89
C PRO D 162 61.47 34.26 13.21
N ASN D 163 61.01 35.11 12.27
CA ASN D 163 59.74 35.80 12.39
C ASN D 163 58.87 35.45 11.18
N THR D 164 58.11 34.36 11.31
CA THR D 164 57.24 33.87 10.25
C THR D 164 55.85 34.48 10.40
N SER D 165 55.35 35.02 9.29
CA SER D 165 54.03 35.65 9.16
C SER D 165 53.38 35.23 7.84
N GLN D 166 52.06 35.46 7.70
CA GLN D 166 51.36 35.08 6.47
C GLN D 166 50.31 36.11 6.06
N VAL D 167 50.19 36.29 4.74
CA VAL D 167 49.30 37.25 4.05
C VAL D 167 48.54 36.49 2.93
N PRO D 168 47.27 36.82 2.58
CA PRO D 168 46.59 36.07 1.51
C PRO D 168 47.31 36.16 0.16
N GLY D 169 47.43 35.02 -0.52
CA GLY D 169 48.09 34.91 -1.82
C GLY D 169 47.35 35.60 -2.95
N PHE D 170 47.82 35.41 -4.20
CA PHE D 170 47.21 36.01 -5.40
C PHE D 170 45.77 35.52 -5.59
N LEU D 171 45.53 34.22 -5.40
CA LEU D 171 44.19 33.62 -5.52
C LEU D 171 43.54 33.58 -4.14
N SER D 172 42.25 33.96 -4.06
CA SER D 172 41.48 33.96 -2.81
C SER D 172 41.35 32.52 -2.32
N GLY D 173 41.91 32.25 -1.14
CA GLY D 173 41.93 30.93 -0.52
C GLY D 173 43.34 30.41 -0.32
N THR D 174 44.31 30.95 -1.09
CA THR D 174 45.73 30.59 -0.99
C THR D 174 46.40 31.56 -0.01
N VAL D 175 47.51 31.12 0.62
CA VAL D 175 48.22 31.91 1.62
C VAL D 175 49.72 32.00 1.27
N THR D 176 50.28 33.23 1.31
CA THR D 176 51.70 33.51 1.08
C THR D 176 52.39 33.60 2.44
N VAL D 177 53.29 32.64 2.73
CA VAL D 177 54.02 32.55 3.99
C VAL D 177 55.41 33.20 3.81
N THR D 178 55.70 34.20 4.65
CA THR D 178 56.98 34.94 4.63
C THR D 178 57.67 34.77 5.98
N SER D 179 58.93 34.32 5.97
CA SER D 179 59.72 34.12 7.18
C SER D 179 61.04 34.89 7.10
N LEU D 180 61.28 35.77 8.08
CA LEU D 180 62.51 36.55 8.18
C LEU D 180 63.41 35.94 9.23
N TRP D 181 64.68 35.69 8.88
CA TRP D 181 65.63 35.14 9.83
C TRP D 181 66.33 36.30 10.53
N ILE D 182 65.85 36.63 11.74
CA ILE D 182 66.34 37.75 12.55
C ILE D 182 67.53 37.32 13.44
N LEU D 183 68.61 38.11 13.40
CA LEU D 183 69.84 37.93 14.16
C LEU D 183 70.56 39.27 14.36
N VAL D 184 71.30 39.43 15.47
CA VAL D 184 72.13 40.61 15.74
C VAL D 184 73.36 40.47 14.83
N PRO D 185 73.57 41.39 13.86
CA PRO D 185 74.70 41.22 12.92
C PRO D 185 76.07 41.27 13.60
N SER D 186 76.97 40.42 13.10
CA SER D 186 78.37 40.29 13.53
C SER D 186 79.25 40.04 12.32
N SER D 187 80.56 40.26 12.45
CA SER D 187 81.53 40.06 11.37
C SER D 187 81.68 38.57 11.05
N GLN D 188 81.64 37.71 12.10
CA GLN D 188 81.81 36.26 12.03
C GLN D 188 80.74 35.56 11.17
N VAL D 189 79.50 36.07 11.14
CA VAL D 189 78.40 35.45 10.38
C VAL D 189 78.46 35.79 8.86
N ASP D 190 79.27 36.81 8.46
CA ASP D 190 79.40 37.21 7.06
C ASP D 190 80.01 36.09 6.21
N GLY D 191 79.36 35.81 5.08
CA GLY D 191 79.76 34.78 4.13
C GLY D 191 79.17 33.42 4.42
N LYS D 192 78.86 33.14 5.70
CA LYS D 192 78.28 31.89 6.16
C LYS D 192 76.83 31.75 5.68
N ASN D 193 76.38 30.52 5.44
CA ASN D 193 75.05 30.22 4.91
C ASN D 193 74.04 29.74 5.95
N VAL D 194 72.74 30.01 5.64
CA VAL D 194 71.58 29.62 6.44
CA VAL D 194 71.58 29.62 6.45
C VAL D 194 70.59 28.92 5.50
N THR D 195 70.04 27.77 5.91
CA THR D 195 69.11 27.04 5.05
C THR D 195 67.67 27.22 5.52
N CYS D 196 66.75 27.22 4.55
CA CYS D 196 65.32 27.36 4.74
C CYS D 196 64.63 26.11 4.19
N LYS D 197 63.84 25.43 5.03
CA LYS D 197 63.11 24.21 4.67
C LYS D 197 61.62 24.54 4.50
N VAL D 198 61.06 24.27 3.31
CA VAL D 198 59.65 24.52 3.01
C VAL D 198 58.94 23.16 2.88
N GLU D 199 57.96 22.91 3.76
CA GLU D 199 57.18 21.67 3.79
C GLU D 199 55.73 21.92 3.42
N HIS D 200 55.22 21.18 2.42
CA HIS D 200 53.83 21.28 1.95
C HIS D 200 53.35 19.93 1.45
N GLU D 201 52.03 19.67 1.62
CA GLU D 201 51.34 18.43 1.25
C GLU D 201 51.46 18.10 -0.26
N SER D 202 51.62 19.12 -1.12
CA SER D 202 51.72 18.96 -2.57
C SER D 202 53.15 18.62 -3.04
N PHE D 203 54.17 18.80 -2.19
CA PHE D 203 55.57 18.52 -2.54
C PHE D 203 55.92 17.04 -2.45
N GLU D 204 56.74 16.56 -3.41
CA GLU D 204 57.24 15.18 -3.46
C GLU D 204 58.31 14.98 -2.38
N LYS D 205 59.00 16.09 -2.02
CA LYS D 205 60.04 16.18 -1.00
C LYS D 205 60.12 17.65 -0.48
N PRO D 206 60.51 17.90 0.80
CA PRO D 206 60.61 19.30 1.25
C PRO D 206 61.69 20.08 0.50
N GLN D 207 61.39 21.34 0.11
CA GLN D 207 62.35 22.18 -0.61
C GLN D 207 63.32 22.85 0.37
N LEU D 208 64.61 22.76 0.04
CA LEU D 208 65.67 23.37 0.83
C LEU D 208 66.27 24.53 0.03
N LEU D 209 66.30 25.72 0.65
CA LEU D 209 66.82 26.93 0.02
C LEU D 209 67.94 27.51 0.89
N THR D 210 69.16 27.55 0.34
CA THR D 210 70.35 28.05 1.04
C THR D 210 70.56 29.53 0.70
N VAL D 211 70.96 30.34 1.70
CA VAL D 211 71.21 31.78 1.60
C VAL D 211 72.51 32.14 2.36
N ASN D 212 73.48 32.77 1.67
CA ASN D 212 74.73 33.24 2.29
C ASN D 212 74.51 34.63 2.85
N LEU D 213 74.83 34.84 4.14
CA LEU D 213 74.65 36.12 4.83
C LEU D 213 75.66 37.18 4.37
N THR D 214 75.25 38.45 4.37
CA THR D 214 76.09 39.58 3.97
C THR D 214 76.06 40.65 5.06
N VAL D 215 77.22 40.91 5.68
CA VAL D 215 77.40 41.91 6.75
C VAL D 215 78.47 42.89 6.31
N TYR D 216 78.14 44.20 6.32
CA TYR D 216 79.06 45.27 5.96
C TYR D 216 79.74 45.74 7.24
N TYR D 217 81.05 45.53 7.34
CA TYR D 217 81.83 45.87 8.52
C TYR D 217 83.19 46.48 8.17
N PRO D 218 83.73 47.45 8.97
CA PRO D 218 85.05 48.02 8.66
C PRO D 218 86.19 47.01 8.94
N PRO D 219 87.45 47.25 8.50
CA PRO D 219 88.51 46.24 8.69
C PRO D 219 88.79 45.83 10.15
N GLU D 220 89.06 44.53 10.32
CA GLU D 220 89.45 43.90 11.57
C GLU D 220 90.89 43.46 11.36
N VAL D 221 91.81 44.37 11.73
CA VAL D 221 93.24 44.26 11.50
C VAL D 221 94.00 43.77 12.75
N SER D 222 95.02 42.90 12.52
CA SER D 222 95.93 42.32 13.51
C SER D 222 97.26 41.95 12.85
N ILE D 223 98.40 42.27 13.50
CA ILE D 223 99.74 42.00 12.98
C ILE D 223 100.30 40.70 13.59
N SER D 224 100.80 39.79 12.72
CA SER D 224 101.40 38.51 13.11
C SER D 224 102.79 38.31 12.45
N GLY D 225 103.56 37.36 12.98
CA GLY D 225 104.89 37.02 12.48
C GLY D 225 106.02 37.37 13.42
N TYR D 226 105.68 37.81 14.65
CA TYR D 226 106.65 38.18 15.69
C TYR D 226 106.61 37.15 16.82
N ASP D 227 107.66 36.32 16.91
CA ASP D 227 107.80 35.25 17.91
C ASP D 227 108.46 35.77 19.22
N ASN D 228 108.71 37.10 19.30
CA ASN D 228 109.32 37.83 20.42
C ASN D 228 110.75 37.31 20.74
N ASN D 229 111.48 36.89 19.69
CA ASN D 229 112.85 36.37 19.78
C ASN D 229 113.70 36.99 18.67
N TRP D 230 113.96 38.30 18.77
CA TRP D 230 114.75 39.06 17.81
C TRP D 230 116.12 39.45 18.40
N TYR D 231 117.19 39.02 17.72
CA TYR D 231 118.58 39.29 18.12
C TYR D 231 119.36 39.93 16.98
N LEU D 232 120.17 40.96 17.30
CA LEU D 232 121.00 41.70 16.33
C LEU D 232 122.17 40.84 15.86
N GLU D 236 116.77 38.15 8.83
CA GLU D 236 115.64 38.90 8.29
C GLU D 236 114.30 38.20 8.60
N ALA D 237 113.29 38.98 9.02
CA ALA D 237 111.96 38.50 9.37
C ALA D 237 110.87 39.32 8.69
N THR D 238 109.74 38.66 8.33
CA THR D 238 108.62 39.30 7.66
C THR D 238 107.37 39.28 8.56
N LEU D 239 106.75 40.46 8.76
CA LEU D 239 105.52 40.64 9.52
C LEU D 239 104.35 40.72 8.56
N THR D 240 103.22 40.06 8.90
CA THR D 240 102.04 40.04 8.04
C THR D 240 100.88 40.78 8.71
N CYS D 241 100.20 41.65 7.93
CA CYS D 241 99.04 42.40 8.37
C CYS D 241 97.78 41.62 7.99
N ASP D 242 97.19 40.93 8.97
CA ASP D 242 96.01 40.11 8.76
C ASP D 242 94.76 40.94 8.99
N ALA D 243 94.05 41.25 7.89
CA ALA D 243 92.85 42.07 7.91
C ALA D 243 91.68 41.39 7.21
N ARG D 244 90.45 41.70 7.66
CA ARG D 244 89.21 41.18 7.09
C ARG D 244 88.13 42.27 7.13
N SER D 245 87.47 42.49 5.98
CA SER D 245 86.41 43.49 5.84
C SER D 245 85.46 43.15 4.68
N ASN D 246 84.25 43.72 4.74
CA ASN D 246 83.24 43.59 3.70
C ASN D 246 82.67 44.99 3.42
N PRO D 247 82.94 45.61 2.23
CA PRO D 247 83.68 45.07 1.08
C PRO D 247 85.16 44.89 1.39
N GLU D 248 85.86 44.07 0.59
CA GLU D 248 87.29 43.76 0.73
C GLU D 248 88.15 45.03 0.82
N PRO D 249 89.32 44.99 1.53
CA PRO D 249 90.14 46.20 1.68
C PRO D 249 90.56 46.85 0.37
N THR D 250 90.71 48.19 0.40
CA THR D 250 91.12 49.00 -0.76
C THR D 250 92.53 49.56 -0.55
N GLY D 251 93.02 49.48 0.69
CA GLY D 251 94.35 49.98 1.04
C GLY D 251 94.99 49.33 2.26
N TYR D 252 96.33 49.32 2.25
CA TYR D 252 97.22 48.81 3.30
C TYR D 252 98.36 49.80 3.46
N ASN D 253 98.46 50.48 4.61
CA ASN D 253 99.52 51.46 4.83
C ASN D 253 100.28 51.17 6.13
N TRP D 254 101.61 51.06 6.01
CA TRP D 254 102.53 50.81 7.13
C TRP D 254 103.21 52.11 7.58
N SER D 255 103.29 52.30 8.91
CA SER D 255 103.91 53.47 9.55
C SER D 255 104.32 53.14 11.01
N THR D 256 104.80 54.16 11.76
CA THR D 256 105.21 54.05 13.17
C THR D 256 104.60 55.23 13.93
N THR D 257 104.49 55.12 15.28
CA THR D 257 103.95 56.18 16.16
C THR D 257 104.80 57.46 16.05
N MET D 258 106.13 57.29 15.86
CA MET D 258 107.09 58.38 15.68
C MET D 258 106.84 59.12 14.36
N GLY D 259 106.39 58.39 13.34
CA GLY D 259 106.07 58.93 12.02
C GLY D 259 106.27 57.97 10.86
N PRO D 260 107.22 58.27 9.94
CA PRO D 260 107.43 57.35 8.80
C PRO D 260 108.25 56.12 9.18
N LEU D 261 108.31 55.13 8.27
CA LEU D 261 109.03 53.87 8.47
C LEU D 261 110.56 54.07 8.44
N PRO D 262 111.31 53.41 9.36
CA PRO D 262 112.78 53.54 9.36
C PRO D 262 113.44 52.84 8.15
N PRO D 263 114.74 53.10 7.82
CA PRO D 263 115.34 52.46 6.63
C PRO D 263 115.43 50.92 6.68
N PHE D 264 115.48 50.31 7.88
CA PHE D 264 115.56 48.85 8.00
C PHE D 264 114.19 48.19 7.78
N ALA D 265 113.09 48.89 8.11
CA ALA D 265 111.73 48.39 7.92
C ALA D 265 111.22 48.76 6.52
N VAL D 266 111.07 47.73 5.66
CA VAL D 266 110.62 47.90 4.28
C VAL D 266 109.19 47.36 4.14
N ALA D 267 108.28 48.19 3.59
CA ALA D 267 106.88 47.82 3.37
C ALA D 267 106.71 47.20 1.98
N GLN D 268 106.09 46.00 1.93
CA GLN D 268 105.84 45.26 0.69
C GLN D 268 104.38 44.80 0.66
N GLY D 269 103.48 45.75 0.42
CA GLY D 269 102.04 45.53 0.37
C GLY D 269 101.44 45.34 1.74
N ALA D 270 100.79 44.19 1.96
CA ALA D 270 100.17 43.82 3.24
C ALA D 270 101.20 43.17 4.18
N GLN D 271 102.48 43.16 3.77
CA GLN D 271 103.59 42.59 4.54
C GLN D 271 104.66 43.64 4.83
N LEU D 272 105.46 43.41 5.88
CA LEU D 272 106.54 44.30 6.28
C LEU D 272 107.82 43.49 6.54
N LEU D 273 108.85 43.69 5.70
CA LEU D 273 110.14 43.02 5.81
C LEU D 273 111.09 43.82 6.72
N ILE D 274 111.71 43.15 7.70
CA ILE D 274 112.64 43.78 8.64
C ILE D 274 114.07 43.31 8.33
N ARG D 275 114.96 44.28 8.07
CA ARG D 275 116.38 44.05 7.77
C ARG D 275 117.23 44.26 9.04
N PRO D 276 118.34 43.49 9.26
CA PRO D 276 119.13 43.68 10.48
C PRO D 276 119.94 44.97 10.46
N ILE D 281 117.10 48.43 18.91
CA ILE D 281 116.10 49.25 18.23
C ILE D 281 114.69 48.93 18.75
N ASN D 282 113.90 49.98 19.04
CA ASN D 282 112.53 49.85 19.54
C ASN D 282 111.58 50.75 18.76
N THR D 283 110.58 50.13 18.10
CA THR D 283 109.55 50.81 17.30
C THR D 283 108.16 50.18 17.52
N THR D 284 107.11 51.02 17.44
CA THR D 284 105.71 50.59 17.57
C THR D 284 105.04 50.77 16.21
N LEU D 285 105.09 49.72 15.37
CA LEU D 285 104.57 49.69 14.01
C LEU D 285 103.05 49.72 13.96
N ILE D 286 102.49 50.44 12.97
CA ILE D 286 101.05 50.60 12.74
C ILE D 286 100.68 50.14 11.32
N CYS D 287 99.60 49.36 11.20
CA CYS D 287 99.06 48.91 9.92
C CYS D 287 97.65 49.48 9.75
N ASN D 288 97.51 50.48 8.86
CA ASN D 288 96.26 51.16 8.58
C ASN D 288 95.60 50.52 7.36
N VAL D 289 94.48 49.80 7.59
CA VAL D 289 93.72 49.10 6.54
C VAL D 289 92.41 49.85 6.33
N THR D 290 92.11 50.20 5.06
CA THR D 290 90.91 50.95 4.67
C THR D 290 89.98 50.14 3.77
N ASN D 291 88.67 50.39 3.89
CA ASN D 291 87.63 49.81 3.06
C ASN D 291 86.52 50.88 2.88
N ALA D 292 85.44 50.56 2.15
CA ALA D 292 84.32 51.46 1.86
C ALA D 292 83.70 52.09 3.13
N LEU D 293 83.77 51.38 4.28
CA LEU D 293 83.20 51.80 5.57
C LEU D 293 84.16 52.70 6.38
N GLY D 294 85.47 52.56 6.19
CA GLY D 294 86.44 53.38 6.89
C GLY D 294 87.78 52.71 7.16
N ALA D 295 88.67 53.44 7.83
CA ALA D 295 90.02 52.99 8.19
C ALA D 295 90.09 52.49 9.63
N ARG D 296 90.84 51.41 9.85
CA ARG D 296 91.07 50.81 11.18
C ARG D 296 92.53 50.43 11.30
N GLN D 297 93.15 50.72 12.46
CA GLN D 297 94.57 50.48 12.70
C GLN D 297 94.83 49.40 13.75
N ALA D 298 96.06 48.86 13.75
CA ALA D 298 96.58 47.87 14.68
C ALA D 298 98.04 48.19 14.98
N GLU D 299 98.41 48.19 16.27
CA GLU D 299 99.79 48.51 16.67
C GLU D 299 100.48 47.31 17.30
N LEU D 300 101.80 47.19 17.04
CA LEU D 300 102.64 46.10 17.56
C LEU D 300 104.01 46.67 17.99
N THR D 301 104.42 46.34 19.22
CA THR D 301 105.69 46.77 19.81
C THR D 301 106.76 45.72 19.51
N VAL D 302 107.83 46.13 18.79
CA VAL D 302 108.93 45.23 18.42
C VAL D 302 110.24 45.71 19.10
N GLN D 303 111.03 44.76 19.63
CA GLN D 303 112.29 45.03 20.30
C GLN D 303 113.42 44.17 19.75
N VAL D 304 114.57 44.80 19.44
CA VAL D 304 115.76 44.13 18.90
C VAL D 304 116.88 44.20 19.94
#